data_8TN3
#
_entry.id   8TN3
#
_cell.length_a   47.766
_cell.length_b   94.071
_cell.length_c   84.287
_cell.angle_alpha   90.00
_cell.angle_beta   95.113
_cell.angle_gamma   90.00
#
_symmetry.space_group_name_H-M   'P 1 21 1'
#
loop_
_entity.id
_entity.type
_entity.pdbx_description
1 polymer 'PLP-dependent aminotransferase MppQ'
2 non-polymer "4'-DEOXY-4'-AMINOPYRIDOXAL-5'-PHOSPHATE"
3 water water
#
_entity_poly.entity_id   1
_entity_poly.type   'polypeptide(L)'
_entity_poly.pdbx_seq_one_letter_code
;MTPVAEGGLPHGSVPSLSHTRQWRPGVVQEVAPAGVLDLGPGYIEPALLPVRLLRGAYEQALAEYGAAALGYGHDPGAQP
LRDRLAARAAAADGLPCDPDQVLLTSGTSQALYLLATSLAAPGDTVLTEELCYDLGQRIFRDCSLRLRQVAMDGSGMLPD
ALDRALTEGARAGAKTAFVYLTPTHHNPTGHTMPLARRRLLLEVAARHDVLIVEDDAYTELSLIPDRTPPPSLAALAGYR
RVVRLCSFSKTLGPGLRLGWLLADRELAGRLATHGLFVSGGSLNHTTSLAVSTLLASGAYDRHLDAFRAQLRARRDALVG
ALRAMLDDGVELRTPEGGFFLWLRAGDGADERELLDGAARAGVRIAAGSRFGTTQGAGLRLAFSFNPPALLEQAAKRLTT
AWSGSTPDLEIGVRS
;
_entity_poly.pdbx_strand_id   A,B
#
# COMPACT_ATOMS: atom_id res chain seq x y z
N SER A 16 3.42 0.68 -29.60
CA SER A 16 3.86 2.07 -29.65
C SER A 16 3.70 2.70 -28.28
N LEU A 17 2.88 2.09 -27.43
CA LEU A 17 2.68 2.70 -26.13
C LEU A 17 3.73 2.27 -25.11
N SER A 18 4.58 1.29 -25.41
CA SER A 18 5.62 0.90 -24.45
C SER A 18 6.92 1.65 -24.70
N HIS A 19 6.79 2.95 -24.91
CA HIS A 19 7.93 3.79 -25.22
C HIS A 19 8.67 4.16 -23.92
N THR A 20 9.89 4.69 -24.10
CA THR A 20 10.77 5.03 -22.99
C THR A 20 11.01 6.52 -22.87
N ARG A 21 10.15 7.36 -23.44
CA ARG A 21 10.39 8.79 -23.40
C ARG A 21 10.27 9.37 -21.99
N GLN A 22 9.69 8.63 -21.04
CA GLN A 22 9.61 9.08 -19.66
C GLN A 22 10.33 8.12 -18.72
N TRP A 23 11.19 7.26 -19.29
CA TRP A 23 11.93 6.28 -18.51
C TRP A 23 13.19 6.99 -18.03
N ARG A 24 13.00 7.79 -16.99
CA ARG A 24 14.00 8.75 -16.58
C ARG A 24 14.03 8.86 -15.06
N PRO A 25 15.13 9.33 -14.50
CA PRO A 25 15.17 9.54 -13.06
C PRO A 25 14.09 10.50 -12.60
N GLY A 26 13.54 10.20 -11.44
CA GLY A 26 12.43 10.95 -10.93
C GLY A 26 11.08 10.44 -11.36
N VAL A 27 11.04 9.59 -12.39
CA VAL A 27 9.80 8.92 -12.78
C VAL A 27 9.86 7.44 -12.43
N VAL A 28 10.85 6.72 -12.98
CA VAL A 28 11.05 5.34 -12.63
C VAL A 28 12.06 5.22 -11.49
N GLN A 29 12.14 4.03 -10.93
CA GLN A 29 12.89 3.86 -9.69
C GLN A 29 14.37 4.15 -9.84
N GLU A 30 14.98 3.67 -10.93
CA GLU A 30 16.40 3.79 -11.15
C GLU A 30 16.69 3.61 -12.63
N VAL A 31 17.65 4.37 -13.12
CA VAL A 31 18.15 4.23 -14.48
C VAL A 31 19.68 4.18 -14.42
N ALA A 32 20.28 3.16 -15.04
CA ALA A 32 21.74 3.02 -15.00
C ALA A 32 22.44 4.21 -15.65
N PRO A 33 23.73 4.42 -15.34
CA PRO A 33 24.49 5.50 -15.99
C PRO A 33 24.51 5.30 -17.50
N ALA A 34 24.60 6.41 -18.21
CA ALA A 34 24.56 6.35 -19.66
C ALA A 34 25.70 5.48 -20.17
N GLY A 35 25.39 4.68 -21.21
CA GLY A 35 26.37 3.80 -21.82
C GLY A 35 26.56 2.44 -21.16
N VAL A 36 25.88 2.16 -20.06
CA VAL A 36 25.99 0.87 -19.38
C VAL A 36 24.92 -0.08 -19.91
N LEU A 37 25.32 -1.28 -20.37
CA LEU A 37 24.37 -2.34 -20.66
C LEU A 37 23.94 -2.95 -19.34
N ASP A 38 22.65 -2.86 -19.02
CA ASP A 38 22.19 -3.07 -17.65
C ASP A 38 21.59 -4.46 -17.49
N LEU A 39 22.41 -5.38 -16.99
CA LEU A 39 21.97 -6.70 -16.58
C LEU A 39 21.82 -6.82 -15.07
N GLY A 40 21.65 -5.70 -14.37
CA GLY A 40 21.54 -5.70 -12.94
C GLY A 40 20.15 -6.05 -12.42
N PRO A 41 19.24 -5.09 -12.48
CA PRO A 41 17.92 -5.28 -11.88
C PRO A 41 17.06 -6.24 -12.67
N GLY A 42 16.23 -6.97 -11.92
CA GLY A 42 15.22 -7.83 -12.51
C GLY A 42 14.03 -7.03 -13.00
N TYR A 43 14.28 -6.03 -13.83
CA TYR A 43 13.21 -5.21 -14.41
C TYR A 43 12.76 -5.83 -15.73
N ILE A 44 11.52 -5.57 -16.10
CA ILE A 44 11.01 -6.01 -17.38
C ILE A 44 11.40 -5.00 -18.44
N GLU A 45 11.96 -5.49 -19.54
CA GLU A 45 12.35 -4.66 -20.68
C GLU A 45 11.19 -3.73 -21.05
N PRO A 46 11.41 -2.43 -21.16
CA PRO A 46 10.24 -1.54 -21.33
C PRO A 46 9.36 -1.92 -22.51
N ALA A 47 9.95 -2.31 -23.64
CA ALA A 47 9.16 -2.72 -24.80
C ALA A 47 8.23 -3.89 -24.51
N LEU A 48 8.53 -4.71 -23.49
CA LEU A 48 7.72 -5.85 -23.15
C LEU A 48 6.64 -5.53 -22.13
N LEU A 49 6.65 -4.35 -21.55
CA LEU A 49 5.63 -4.02 -20.55
C LEU A 49 4.31 -3.80 -21.29
N PRO A 50 3.23 -4.36 -20.81
CA PRO A 50 2.00 -4.40 -21.65
C PRO A 50 1.13 -3.16 -21.44
N VAL A 51 1.66 -2.01 -21.87
CA VAL A 51 1.00 -0.73 -21.62
C VAL A 51 -0.35 -0.68 -22.31
N ARG A 52 -0.39 -1.05 -23.59
CA ARG A 52 -1.65 -1.00 -24.34
C ARG A 52 -2.68 -1.90 -23.68
N LEU A 53 -2.27 -3.07 -23.22
CA LEU A 53 -3.18 -3.99 -22.57
C LEU A 53 -3.78 -3.39 -21.30
N LEU A 54 -2.95 -2.79 -20.45
CA LEU A 54 -3.46 -2.15 -19.25
C LEU A 54 -4.31 -0.93 -19.56
N ARG A 55 -3.97 -0.16 -20.60
N ARG A 55 -3.97 -0.19 -20.62
CA ARG A 55 -4.84 0.95 -20.96
CA ARG A 55 -4.80 0.96 -20.99
C ARG A 55 -6.25 0.45 -21.20
C ARG A 55 -6.23 0.51 -21.29
N GLY A 56 -6.38 -0.60 -22.00
CA GLY A 56 -7.69 -1.16 -22.26
C GLY A 56 -8.34 -1.67 -21.00
N ALA A 57 -7.55 -2.22 -20.08
CA ALA A 57 -8.07 -2.78 -18.84
C ALA A 57 -8.69 -1.70 -17.95
N TYR A 58 -8.01 -0.55 -17.80
CA TYR A 58 -8.59 0.55 -17.04
C TYR A 58 -9.86 1.07 -17.71
N GLU A 59 -9.84 1.22 -19.04
CA GLU A 59 -11.04 1.65 -19.75
C GLU A 59 -12.19 0.70 -19.47
N GLN A 60 -11.95 -0.60 -19.56
N GLN A 60 -11.92 -0.61 -19.54
CA GLN A 60 -13.06 -1.51 -19.38
CA GLN A 60 -12.96 -1.62 -19.39
C GLN A 60 -13.52 -1.54 -17.94
C GLN A 60 -13.48 -1.68 -17.97
N ALA A 61 -12.58 -1.64 -16.99
CA ALA A 61 -12.99 -1.72 -15.59
C ALA A 61 -13.81 -0.51 -15.18
N LEU A 62 -13.44 0.68 -15.63
CA LEU A 62 -14.17 1.86 -15.20
C LEU A 62 -15.55 1.88 -15.86
N ALA A 63 -15.66 1.41 -17.10
CA ALA A 63 -16.98 1.29 -17.71
C ALA A 63 -17.83 0.19 -17.07
N GLU A 64 -17.23 -0.97 -16.79
CA GLU A 64 -17.97 -2.11 -16.27
C GLU A 64 -18.36 -1.90 -14.81
N TYR A 65 -17.43 -1.43 -13.98
CA TYR A 65 -17.68 -1.26 -12.56
C TYR A 65 -18.21 0.13 -12.19
N GLY A 66 -18.04 1.11 -13.08
CA GLY A 66 -18.64 2.42 -12.82
C GLY A 66 -18.15 3.03 -11.50
N ALA A 67 -19.09 3.64 -10.78
CA ALA A 67 -18.73 4.30 -9.53
C ALA A 67 -18.07 3.34 -8.54
N ALA A 68 -18.44 2.06 -8.58
CA ALA A 68 -17.87 1.08 -7.68
C ALA A 68 -16.36 0.92 -7.86
N ALA A 69 -15.82 1.33 -9.00
CA ALA A 69 -14.37 1.29 -9.18
C ALA A 69 -13.66 2.40 -8.43
N LEU A 70 -14.36 3.48 -8.07
CA LEU A 70 -13.75 4.58 -7.33
C LEU A 70 -14.17 4.67 -5.86
N GLY A 71 -15.18 3.94 -5.43
CA GLY A 71 -15.50 3.87 -4.02
C GLY A 71 -14.51 3.01 -3.26
N TYR A 72 -14.62 3.02 -1.93
CA TYR A 72 -13.82 2.08 -1.13
C TYR A 72 -14.12 0.66 -1.58
N GLY A 73 -13.07 -0.14 -1.76
CA GLY A 73 -13.24 -1.53 -2.15
C GLY A 73 -13.47 -2.47 -0.98
N HIS A 74 -14.16 -3.56 -1.27
CA HIS A 74 -14.27 -4.69 -0.35
C HIS A 74 -12.94 -4.99 0.32
N ASP A 75 -12.93 -5.03 1.66
CA ASP A 75 -11.68 -4.99 2.43
C ASP A 75 -10.64 -6.05 2.02
N PRO A 76 -10.95 -7.33 1.88
CA PRO A 76 -9.91 -8.27 1.45
C PRO A 76 -9.60 -8.22 -0.03
N GLY A 77 -10.32 -7.41 -0.78
CA GLY A 77 -10.17 -7.32 -2.22
C GLY A 77 -11.46 -7.69 -2.93
N ALA A 78 -11.73 -7.03 -4.06
CA ALA A 78 -12.94 -7.35 -4.82
C ALA A 78 -13.07 -8.85 -5.08
N GLN A 79 -14.27 -9.34 -4.84
CA GLN A 79 -14.53 -10.77 -4.93
C GLN A 79 -14.22 -11.36 -6.30
N PRO A 80 -14.51 -10.68 -7.41
CA PRO A 80 -14.18 -11.30 -8.70
C PRO A 80 -12.72 -11.63 -8.83
N LEU A 81 -11.83 -10.78 -8.32
CA LEU A 81 -10.42 -11.08 -8.41
C LEU A 81 -10.02 -12.19 -7.44
N ARG A 82 -10.49 -12.11 -6.18
N ARG A 82 -10.54 -12.20 -6.22
CA ARG A 82 -10.28 -13.17 -5.18
CA ARG A 82 -10.10 -13.25 -5.32
C ARG A 82 -10.63 -14.54 -5.77
C ARG A 82 -10.70 -14.61 -5.62
N ASP A 83 -11.87 -14.66 -6.28
CA ASP A 83 -12.36 -15.95 -6.79
C ASP A 83 -11.42 -16.49 -7.86
N ARG A 84 -10.97 -15.62 -8.78
CA ARG A 84 -10.12 -16.10 -9.85
C ARG A 84 -8.74 -16.48 -9.35
N LEU A 85 -8.19 -15.69 -8.43
CA LEU A 85 -6.86 -16.00 -7.90
C LEU A 85 -6.88 -17.31 -7.14
N ALA A 86 -7.94 -17.56 -6.36
CA ALA A 86 -8.03 -18.85 -5.68
C ALA A 86 -8.08 -20.00 -6.69
N ALA A 87 -8.88 -19.85 -7.74
CA ALA A 87 -8.96 -20.89 -8.76
C ALA A 87 -7.63 -21.13 -9.45
N ARG A 88 -6.88 -20.07 -9.72
CA ARG A 88 -5.55 -20.20 -10.34
C ARG A 88 -4.57 -20.93 -9.43
N ALA A 89 -4.58 -20.61 -8.14
CA ALA A 89 -3.74 -21.33 -7.20
C ALA A 89 -4.10 -22.81 -7.19
N ALA A 90 -5.39 -23.11 -7.08
CA ALA A 90 -5.83 -24.50 -7.08
C ALA A 90 -5.35 -25.21 -8.34
N ALA A 91 -5.50 -24.58 -9.50
CA ALA A 91 -5.10 -25.23 -10.75
C ALA A 91 -3.60 -25.51 -10.79
N ALA A 92 -2.81 -24.54 -10.35
CA ALA A 92 -1.36 -24.71 -10.39
C ALA A 92 -0.89 -25.76 -9.39
N ASP A 93 -1.48 -25.77 -8.21
CA ASP A 93 -1.08 -26.69 -7.15
C ASP A 93 -1.66 -28.08 -7.32
N GLY A 94 -2.74 -28.20 -8.09
CA GLY A 94 -3.50 -29.42 -8.14
C GLY A 94 -4.20 -29.73 -6.84
N LEU A 95 -4.34 -28.72 -5.97
CA LEU A 95 -4.88 -28.85 -4.63
C LEU A 95 -5.81 -27.68 -4.32
N PRO A 96 -6.81 -27.86 -3.44
CA PRO A 96 -7.84 -26.83 -3.30
C PRO A 96 -7.35 -25.51 -2.71
N CYS A 97 -8.02 -24.44 -3.13
CA CYS A 97 -7.83 -23.12 -2.55
C CYS A 97 -9.16 -22.39 -2.66
N ASP A 98 -9.68 -21.89 -1.53
N ASP A 98 -9.70 -21.93 -1.53
CA ASP A 98 -10.97 -21.22 -1.41
CA ASP A 98 -10.95 -21.22 -1.51
C ASP A 98 -10.81 -19.69 -1.44
C ASP A 98 -10.72 -19.71 -1.62
N PRO A 99 -11.71 -18.96 -2.10
CA PRO A 99 -11.55 -17.50 -2.17
C PRO A 99 -11.40 -16.85 -0.82
N ASP A 100 -11.91 -17.46 0.25
CA ASP A 100 -11.73 -16.81 1.56
C ASP A 100 -10.30 -16.91 2.08
N GLN A 101 -9.42 -17.58 1.37
CA GLN A 101 -8.00 -17.66 1.70
C GLN A 101 -7.18 -16.56 1.06
N VAL A 102 -7.79 -15.72 0.23
CA VAL A 102 -7.07 -14.74 -0.58
C VAL A 102 -7.31 -13.34 -0.02
N LEU A 103 -6.22 -12.57 0.11
CA LEU A 103 -6.23 -11.15 0.46
C LEU A 103 -5.46 -10.42 -0.62
N LEU A 104 -6.06 -9.36 -1.18
CA LEU A 104 -5.29 -8.52 -2.09
C LEU A 104 -4.31 -7.63 -1.34
N THR A 105 -3.17 -7.37 -1.98
CA THR A 105 -2.11 -6.53 -1.44
C THR A 105 -1.80 -5.45 -2.45
N SER A 106 -1.03 -4.46 -2.02
CA SER A 106 -0.54 -3.44 -2.94
C SER A 106 0.89 -3.75 -3.40
N GLY A 107 1.19 -5.03 -3.52
CA GLY A 107 2.51 -5.50 -3.91
C GLY A 107 3.14 -6.34 -2.83
N THR A 108 4.05 -7.24 -3.19
CA THR A 108 4.68 -8.07 -2.17
C THR A 108 5.54 -7.26 -1.21
N SER A 109 6.14 -6.16 -1.68
CA SER A 109 6.91 -5.32 -0.75
C SER A 109 6.04 -4.83 0.40
N GLN A 110 4.86 -4.32 0.07
N GLN A 110 4.85 -4.33 0.10
CA GLN A 110 3.91 -3.94 1.11
CA GLN A 110 3.96 -3.94 1.18
C GLN A 110 3.49 -5.13 1.96
C GLN A 110 3.50 -5.15 1.99
N ALA A 111 3.23 -6.28 1.33
CA ALA A 111 2.82 -7.45 2.12
C ALA A 111 3.91 -7.90 3.09
N LEU A 112 5.17 -7.86 2.66
CA LEU A 112 6.27 -8.20 3.56
C LEU A 112 6.36 -7.22 4.72
N TYR A 113 6.15 -5.94 4.46
CA TYR A 113 6.10 -4.95 5.53
C TYR A 113 4.99 -5.27 6.52
N LEU A 114 3.81 -5.60 6.00
CA LEU A 114 2.69 -5.93 6.85
C LEU A 114 3.00 -7.14 7.72
N LEU A 115 3.55 -8.18 7.12
CA LEU A 115 3.81 -9.40 7.91
C LEU A 115 4.92 -9.17 8.92
N ALA A 116 5.96 -8.43 8.54
CA ALA A 116 7.08 -8.17 9.43
C ALA A 116 6.70 -7.29 10.62
N THR A 117 5.59 -6.55 10.53
CA THR A 117 5.15 -5.68 11.61
C THR A 117 3.88 -6.16 12.29
N SER A 118 3.13 -7.10 11.70
CA SER A 118 1.93 -7.65 12.31
C SER A 118 2.11 -9.05 12.85
N LEU A 119 2.88 -9.90 12.16
CA LEU A 119 3.15 -11.25 12.61
C LEU A 119 4.54 -11.39 13.18
N ALA A 120 5.21 -10.28 13.43
CA ALA A 120 6.48 -10.27 14.09
C ALA A 120 6.56 -8.98 14.86
N ALA A 121 7.45 -8.95 15.83
CA ALA A 121 7.67 -7.80 16.68
C ALA A 121 9.15 -7.47 16.64
N PRO A 122 9.51 -6.22 16.88
CA PRO A 122 10.92 -5.85 16.89
C PRO A 122 11.76 -6.78 17.76
N GLY A 123 12.90 -7.17 17.21
CA GLY A 123 13.81 -8.10 17.85
C GLY A 123 13.60 -9.55 17.51
N ASP A 124 12.46 -9.92 16.95
CA ASP A 124 12.27 -11.28 16.52
C ASP A 124 13.23 -11.61 15.38
N THR A 125 13.49 -12.89 15.19
CA THR A 125 14.38 -13.36 14.13
C THR A 125 13.62 -13.87 12.92
N VAL A 126 14.11 -13.53 11.73
CA VAL A 126 13.66 -14.13 10.47
C VAL A 126 14.78 -15.06 10.00
N LEU A 127 14.43 -16.31 9.73
CA LEU A 127 15.40 -17.24 9.17
C LEU A 127 15.30 -17.20 7.65
N THR A 128 16.44 -17.09 7.00
CA THR A 128 16.48 -17.05 5.53
C THR A 128 17.55 -18.01 5.03
N GLU A 129 17.49 -18.29 3.74
CA GLU A 129 18.57 -19.01 3.11
C GLU A 129 19.84 -18.14 3.09
N GLU A 130 21.00 -18.80 2.94
CA GLU A 130 22.28 -18.12 2.84
C GLU A 130 22.31 -17.10 1.72
N LEU A 131 21.54 -17.34 0.67
CA LEU A 131 21.33 -16.41 -0.43
C LEU A 131 19.85 -16.18 -0.59
N CYS A 132 19.42 -14.93 -0.60
CA CYS A 132 18.00 -14.66 -0.79
C CYS A 132 17.83 -13.20 -1.19
N TYR A 133 16.59 -12.85 -1.46
CA TYR A 133 16.24 -11.51 -1.95
C TYR A 133 16.81 -10.43 -1.05
N ASP A 134 17.67 -9.59 -1.64
CA ASP A 134 18.40 -8.59 -0.85
C ASP A 134 17.46 -7.50 -0.31
N LEU A 135 16.52 -7.03 -1.12
CA LEU A 135 15.68 -5.94 -0.65
C LEU A 135 14.62 -6.45 0.31
N GLY A 136 14.32 -7.74 0.25
CA GLY A 136 13.47 -8.34 1.27
C GLY A 136 14.17 -8.33 2.62
N GLN A 137 15.46 -8.71 2.64
CA GLN A 137 16.25 -8.61 3.87
C GLN A 137 16.19 -7.19 4.42
N ARG A 138 16.25 -6.19 3.53
CA ARG A 138 16.26 -4.81 3.98
C ARG A 138 14.92 -4.44 4.62
N ILE A 139 13.81 -4.93 4.06
CA ILE A 139 12.51 -4.69 4.71
C ILE A 139 12.54 -5.23 6.14
N PHE A 140 13.01 -6.47 6.30
CA PHE A 140 12.99 -7.10 7.62
C PHE A 140 13.87 -6.33 8.59
N ARG A 141 15.09 -5.98 8.16
CA ARG A 141 16.00 -5.24 9.02
C ARG A 141 15.45 -3.87 9.40
N ASP A 142 14.83 -3.18 8.43
CA ASP A 142 14.27 -1.86 8.74
C ASP A 142 13.02 -1.93 9.60
N CYS A 143 12.39 -3.10 9.70
CA CYS A 143 11.31 -3.37 10.64
C CYS A 143 11.85 -3.91 11.98
N SER A 144 13.15 -3.80 12.23
CA SER A 144 13.80 -4.14 13.49
C SER A 144 13.81 -5.64 13.75
N LEU A 145 13.71 -6.45 12.70
CA LEU A 145 13.92 -7.89 12.83
C LEU A 145 15.37 -8.28 12.62
N ARG A 146 15.75 -9.38 13.27
CA ARG A 146 17.11 -9.91 13.16
C ARG A 146 17.06 -10.96 12.07
N LEU A 147 18.11 -11.03 11.27
CA LEU A 147 18.20 -12.04 10.22
C LEU A 147 19.19 -13.12 10.64
N ARG A 148 18.85 -14.37 10.31
CA ARG A 148 19.77 -15.48 10.49
C ARG A 148 19.77 -16.32 9.23
N GLN A 149 20.95 -16.47 8.63
CA GLN A 149 21.09 -17.29 7.44
C GLN A 149 21.18 -18.76 7.80
N VAL A 150 20.57 -19.59 6.96
CA VAL A 150 20.56 -21.04 7.08
C VAL A 150 21.19 -21.64 5.83
N ALA A 151 22.02 -22.66 6.04
CA ALA A 151 22.71 -23.28 4.93
C ALA A 151 21.74 -23.80 3.88
N MET A 152 22.21 -23.77 2.63
CA MET A 152 21.41 -24.17 1.50
C MET A 152 22.27 -25.01 0.55
N ASP A 153 21.60 -25.74 -0.34
CA ASP A 153 22.28 -26.40 -1.44
C ASP A 153 21.56 -26.00 -2.71
N GLY A 154 21.75 -26.81 -3.77
CA GLY A 154 21.13 -26.49 -5.04
C GLY A 154 19.62 -26.57 -5.04
N SER A 155 19.03 -27.20 -4.03
CA SER A 155 17.58 -27.29 -3.88
C SER A 155 17.02 -26.29 -2.88
N GLY A 156 17.83 -25.42 -2.32
CA GLY A 156 17.38 -24.47 -1.33
C GLY A 156 17.79 -24.84 0.08
N MET A 157 17.06 -24.26 1.04
CA MET A 157 17.40 -24.41 2.45
C MET A 157 17.52 -25.87 2.85
N LEU A 158 18.53 -26.17 3.64
CA LEU A 158 18.69 -27.54 4.11
C LEU A 158 17.87 -27.79 5.37
N PRO A 159 17.10 -28.87 5.42
CA PRO A 159 16.25 -29.13 6.60
C PRO A 159 17.00 -29.32 7.89
N ASP A 160 18.12 -30.06 7.89
CA ASP A 160 18.88 -30.24 9.12
C ASP A 160 19.40 -28.89 9.62
N ALA A 161 19.86 -28.04 8.72
CA ALA A 161 20.34 -26.72 9.11
C ALA A 161 19.22 -25.85 9.67
N LEU A 162 18.04 -25.95 9.09
CA LEU A 162 16.89 -25.19 9.62
C LEU A 162 16.55 -25.68 11.00
N ASP A 163 16.51 -27.01 11.17
CA ASP A 163 16.22 -27.58 12.49
C ASP A 163 17.22 -27.08 13.52
N ARG A 164 18.50 -27.05 13.17
CA ARG A 164 19.51 -26.60 14.12
C ARG A 164 19.31 -25.13 14.45
N ALA A 165 19.03 -24.31 13.42
CA ALA A 165 18.85 -22.88 13.64
C ALA A 165 17.67 -22.60 14.57
N LEU A 166 16.57 -23.34 14.38
CA LEU A 166 15.42 -23.17 15.24
C LEU A 166 15.69 -23.70 16.64
N THR A 167 16.38 -24.83 16.73
CA THR A 167 16.65 -25.39 18.03
C THR A 167 17.60 -24.49 18.81
N GLU A 168 18.62 -23.94 18.13
CA GLU A 168 19.53 -23.01 18.82
C GLU A 168 18.82 -21.71 19.22
N GLY A 169 17.96 -21.19 18.34
CA GLY A 169 17.20 -20.00 18.70
C GLY A 169 16.33 -20.23 19.91
N ALA A 170 15.66 -21.38 19.97
CA ALA A 170 14.80 -21.69 21.13
C ALA A 170 15.63 -21.75 22.40
N ARG A 171 16.84 -22.32 22.31
CA ARG A 171 17.73 -22.40 23.46
C ARG A 171 18.04 -21.01 23.97
N ALA A 172 18.23 -20.06 23.08
CA ALA A 172 18.65 -18.72 23.46
C ALA A 172 17.47 -17.78 23.74
N GLY A 173 16.23 -18.26 23.63
CA GLY A 173 15.09 -17.38 23.76
C GLY A 173 15.02 -16.32 22.68
N ALA A 174 15.54 -16.62 21.49
CA ALA A 174 15.48 -15.73 20.33
C ALA A 174 14.25 -16.10 19.55
N LYS A 175 13.16 -15.37 19.79
N LYS A 175 13.16 -15.36 19.77
CA LYS A 175 11.89 -15.70 19.18
CA LYS A 175 11.89 -15.67 19.18
C LYS A 175 12.02 -15.64 17.66
C LYS A 175 12.02 -15.63 17.66
N THR A 176 11.60 -16.70 17.00
CA THR A 176 11.59 -16.75 15.55
C THR A 176 10.25 -16.23 15.05
N ALA A 177 10.27 -15.14 14.31
CA ALA A 177 9.03 -14.64 13.72
C ALA A 177 8.55 -15.55 12.59
N PHE A 178 9.42 -15.81 11.62
CA PHE A 178 9.07 -16.71 10.54
C PHE A 178 10.31 -17.10 9.76
N VAL A 179 10.12 -18.10 8.91
CA VAL A 179 11.11 -18.55 7.94
C VAL A 179 10.69 -17.98 6.59
N TYR A 180 11.57 -17.22 5.95
CA TYR A 180 11.31 -16.62 4.65
C TYR A 180 11.95 -17.45 3.57
N LEU A 181 11.15 -17.88 2.58
CA LEU A 181 11.60 -18.77 1.50
C LEU A 181 11.08 -18.26 0.17
N THR A 182 11.89 -18.33 -0.90
CA THR A 182 11.45 -18.21 -2.29
C THR A 182 11.77 -19.53 -2.96
N PRO A 183 10.82 -20.46 -3.03
CA PRO A 183 11.15 -21.82 -3.46
C PRO A 183 11.21 -22.01 -4.96
N THR A 184 10.65 -21.10 -5.76
CA THR A 184 10.50 -21.32 -7.20
C THR A 184 11.18 -20.17 -7.95
N HIS A 185 12.10 -20.52 -8.84
CA HIS A 185 12.89 -19.54 -9.57
C HIS A 185 13.49 -18.50 -8.63
N HIS A 186 14.33 -19.04 -7.74
CA HIS A 186 14.89 -18.34 -6.60
C HIS A 186 15.67 -17.11 -7.02
N ASN A 187 15.52 -16.04 -6.25
CA ASN A 187 16.34 -14.86 -6.45
C ASN A 187 17.43 -14.91 -5.39
N PRO A 188 18.72 -15.07 -5.75
CA PRO A 188 19.36 -14.92 -7.07
C PRO A 188 19.73 -16.16 -7.83
N THR A 189 19.55 -17.38 -7.31
CA THR A 189 20.21 -18.53 -7.92
C THR A 189 19.45 -19.10 -9.09
N GLY A 190 18.15 -18.82 -9.18
CA GLY A 190 17.32 -19.40 -10.20
C GLY A 190 16.82 -20.81 -9.92
N HIS A 191 17.16 -21.39 -8.78
CA HIS A 191 16.81 -22.78 -8.53
C HIS A 191 15.32 -22.92 -8.23
N THR A 192 14.80 -24.13 -8.39
CA THR A 192 13.45 -24.47 -7.94
C THR A 192 13.54 -25.63 -6.97
N MET A 193 13.01 -25.41 -5.78
CA MET A 193 13.03 -26.43 -4.73
C MET A 193 12.14 -27.61 -5.14
N PRO A 194 12.65 -28.84 -5.14
CA PRO A 194 11.81 -29.98 -5.51
C PRO A 194 10.82 -30.33 -4.42
N LEU A 195 9.80 -31.10 -4.83
CA LEU A 195 8.76 -31.56 -3.92
C LEU A 195 9.31 -32.17 -2.64
N ALA A 196 10.27 -33.09 -2.74
CA ALA A 196 10.75 -33.81 -1.55
C ALA A 196 11.36 -32.85 -0.53
N ARG A 197 12.14 -31.87 -1.00
CA ARG A 197 12.73 -30.87 -0.11
C ARG A 197 11.66 -29.98 0.52
N ARG A 198 10.67 -29.57 -0.27
CA ARG A 198 9.56 -28.79 0.29
C ARG A 198 8.93 -29.51 1.48
N ARG A 199 8.66 -30.81 1.32
N ARG A 199 8.66 -30.80 1.33
CA ARG A 199 8.01 -31.56 2.39
CA ARG A 199 8.00 -31.51 2.41
C ARG A 199 8.89 -31.67 3.63
C ARG A 199 8.90 -31.59 3.64
N LEU A 200 10.20 -31.81 3.45
CA LEU A 200 11.10 -31.95 4.59
C LEU A 200 11.17 -30.65 5.38
N LEU A 201 11.25 -29.52 4.68
CA LEU A 201 11.25 -28.22 5.37
C LEU A 201 9.93 -27.99 6.10
N LEU A 202 8.80 -28.31 5.45
CA LEU A 202 7.52 -28.15 6.13
C LEU A 202 7.48 -28.97 7.42
N GLU A 203 8.04 -30.19 7.39
CA GLU A 203 8.03 -31.02 8.57
C GLU A 203 8.83 -30.39 9.72
N VAL A 204 9.99 -29.82 9.39
CA VAL A 204 10.80 -29.17 10.42
C VAL A 204 10.04 -27.97 10.98
N ALA A 205 9.49 -27.14 10.11
CA ALA A 205 8.79 -25.95 10.58
C ALA A 205 7.56 -26.31 11.39
N ALA A 206 6.84 -27.37 10.99
CA ALA A 206 5.66 -27.77 11.76
C ALA A 206 6.03 -28.27 13.15
N ARG A 207 7.13 -29.02 13.27
CA ARG A 207 7.56 -29.50 14.57
C ARG A 207 7.89 -28.36 15.52
N HIS A 208 8.53 -27.30 15.01
CA HIS A 208 8.80 -26.11 15.81
C HIS A 208 7.64 -25.12 15.85
N ASP A 209 6.56 -25.39 15.13
CA ASP A 209 5.41 -24.49 14.97
C ASP A 209 5.81 -23.07 14.58
N VAL A 210 6.67 -22.96 13.58
N VAL A 210 6.66 -22.97 13.57
CA VAL A 210 7.11 -21.67 13.08
CA VAL A 210 7.12 -21.69 13.07
C VAL A 210 6.44 -21.42 11.73
C VAL A 210 6.47 -21.41 11.71
N LEU A 211 6.00 -20.16 11.54
CA LEU A 211 5.41 -19.71 10.29
C LEU A 211 6.44 -19.66 9.18
N ILE A 212 6.03 -20.10 7.98
CA ILE A 212 6.80 -19.88 6.76
C ILE A 212 6.12 -18.77 5.95
N VAL A 213 6.90 -17.80 5.50
CA VAL A 213 6.46 -16.81 4.54
C VAL A 213 7.08 -17.21 3.21
N GLU A 214 6.23 -17.64 2.29
CA GLU A 214 6.62 -18.17 0.99
C GLU A 214 6.41 -17.06 -0.04
N ASP A 215 7.49 -16.47 -0.52
CA ASP A 215 7.44 -15.36 -1.49
C ASP A 215 7.57 -15.96 -2.88
N ASP A 216 6.49 -15.91 -3.65
CA ASP A 216 6.43 -16.64 -4.91
C ASP A 216 6.29 -15.68 -6.08
N ALA A 217 7.12 -14.62 -6.07
CA ALA A 217 7.05 -13.59 -7.08
C ALA A 217 7.25 -14.08 -8.51
N TYR A 218 7.95 -15.21 -8.71
CA TYR A 218 8.31 -15.68 -10.04
C TYR A 218 7.57 -16.96 -10.40
N THR A 219 6.52 -17.32 -9.65
CA THR A 219 5.88 -18.63 -9.80
C THR A 219 5.25 -18.83 -11.17
N GLU A 220 4.78 -17.78 -11.81
CA GLU A 220 4.11 -17.88 -13.10
C GLU A 220 5.05 -17.82 -14.28
N LEU A 221 6.35 -17.84 -14.05
CA LEU A 221 7.33 -17.59 -15.10
C LEU A 221 8.19 -18.81 -15.44
N SER A 222 7.59 -20.00 -15.43
N SER A 222 7.58 -19.99 -15.42
CA SER A 222 8.29 -21.15 -15.97
CA SER A 222 8.19 -21.15 -16.04
C SER A 222 8.45 -20.98 -17.47
C SER A 222 8.48 -20.84 -17.50
N LEU A 223 9.67 -21.21 -17.98
CA LEU A 223 10.03 -20.90 -19.36
C LEU A 223 10.13 -22.12 -20.24
N ILE A 224 9.62 -23.24 -19.81
CA ILE A 224 9.39 -24.37 -20.71
C ILE A 224 7.88 -24.58 -20.80
N PRO A 225 7.26 -24.45 -21.98
CA PRO A 225 5.79 -24.29 -22.03
C PRO A 225 4.99 -25.45 -21.43
N ASP A 226 5.53 -26.66 -21.39
CA ASP A 226 4.77 -27.75 -20.79
C ASP A 226 4.99 -27.92 -19.29
N ARG A 227 5.94 -27.20 -18.71
CA ARG A 227 6.41 -27.46 -17.35
C ARG A 227 5.78 -26.47 -16.37
N THR A 228 5.35 -26.97 -15.22
CA THR A 228 4.80 -26.18 -14.13
C THR A 228 5.62 -26.46 -12.88
N PRO A 229 5.83 -25.46 -12.01
CA PRO A 229 6.57 -25.72 -10.78
C PRO A 229 5.85 -26.70 -9.88
N PRO A 230 6.52 -27.27 -8.89
CA PRO A 230 5.84 -28.11 -7.89
C PRO A 230 4.80 -27.32 -7.13
N PRO A 231 3.89 -27.99 -6.43
CA PRO A 231 2.91 -27.29 -5.59
C PRO A 231 3.61 -26.43 -4.56
N SER A 232 2.94 -25.33 -4.20
CA SER A 232 3.49 -24.41 -3.23
C SER A 232 3.64 -25.07 -1.87
N LEU A 233 4.60 -24.55 -1.11
CA LEU A 233 4.68 -24.94 0.30
C LEU A 233 3.34 -24.78 0.99
N ALA A 234 2.64 -23.66 0.72
CA ALA A 234 1.37 -23.41 1.40
C ALA A 234 0.37 -24.51 1.09
N ALA A 235 0.22 -24.87 -0.18
CA ALA A 235 -0.72 -25.94 -0.52
C ALA A 235 -0.31 -27.29 0.04
N LEU A 236 0.98 -27.60 0.03
CA LEU A 236 1.47 -28.87 0.54
C LEU A 236 1.21 -28.98 2.04
N ALA A 237 1.21 -27.85 2.71
CA ALA A 237 0.95 -27.78 4.15
C ALA A 237 -0.55 -27.69 4.47
N GLY A 238 -1.42 -27.74 3.48
CA GLY A 238 -2.83 -27.48 3.75
C GLY A 238 -3.08 -26.09 4.31
N TYR A 239 -2.21 -25.15 3.97
CA TYR A 239 -2.23 -23.77 4.43
C TYR A 239 -2.09 -23.66 5.95
N ARG A 240 -1.57 -24.70 6.60
CA ARG A 240 -1.24 -24.64 8.02
C ARG A 240 0.13 -23.99 8.19
N ARG A 241 0.14 -22.83 8.84
CA ARG A 241 1.36 -22.13 9.26
C ARG A 241 2.24 -21.74 8.08
N VAL A 242 1.60 -21.43 6.94
CA VAL A 242 2.28 -20.87 5.78
C VAL A 242 1.44 -19.74 5.23
N VAL A 243 2.08 -18.62 4.90
CA VAL A 243 1.47 -17.53 4.14
C VAL A 243 2.25 -17.42 2.85
N ARG A 244 1.55 -17.44 1.72
CA ARG A 244 2.17 -17.31 0.40
C ARG A 244 1.87 -15.92 -0.17
N LEU A 245 2.91 -15.29 -0.73
CA LEU A 245 2.81 -13.96 -1.32
C LEU A 245 3.05 -14.05 -2.82
N CYS A 246 2.14 -13.46 -3.59
CA CYS A 246 2.20 -13.44 -5.04
C CYS A 246 2.05 -11.99 -5.51
N SER A 247 2.51 -11.72 -6.72
CA SER A 247 2.52 -10.35 -7.21
C SER A 247 2.24 -10.33 -8.70
N PHE A 248 1.71 -9.19 -9.17
CA PHE A 248 1.64 -8.94 -10.61
C PHE A 248 2.85 -8.17 -11.12
N SER A 249 3.83 -7.91 -10.26
CA SER A 249 4.99 -7.14 -10.68
C SER A 249 5.78 -7.80 -11.80
N LYS A 250 5.99 -9.11 -11.69
CA LYS A 250 6.86 -9.80 -12.64
C LYS A 250 6.10 -10.33 -13.83
N THR A 251 4.79 -10.12 -13.88
CA THR A 251 3.99 -10.57 -15.00
C THR A 251 3.29 -9.47 -15.78
N LEU A 252 2.86 -8.37 -15.14
CA LEU A 252 2.18 -7.26 -15.81
C LEU A 252 2.86 -5.92 -15.66
N GLY A 253 3.53 -5.68 -14.56
CA GLY A 253 4.17 -4.41 -14.37
C GLY A 253 4.30 -4.07 -12.91
N PRO A 254 5.53 -3.81 -12.47
CA PRO A 254 5.71 -3.48 -11.05
C PRO A 254 5.04 -2.20 -10.62
N GLY A 255 4.87 -1.23 -11.52
CA GLY A 255 4.29 0.04 -11.12
C GLY A 255 2.84 -0.05 -10.71
N LEU A 256 2.17 -1.13 -11.09
CA LEU A 256 0.76 -1.31 -10.72
C LEU A 256 0.56 -1.43 -9.22
N ARG A 257 1.56 -1.91 -8.48
CA ARG A 257 1.45 -2.06 -7.03
C ARG A 257 0.24 -2.92 -6.66
N LEU A 258 0.27 -4.16 -7.13
CA LEU A 258 -0.84 -5.07 -6.91
C LEU A 258 -0.29 -6.48 -6.73
N GLY A 259 -0.72 -7.13 -5.66
CA GLY A 259 -0.42 -8.52 -5.49
C GLY A 259 -1.48 -9.20 -4.65
N TRP A 260 -1.16 -10.36 -4.10
CA TRP A 260 -2.09 -11.05 -3.25
C TRP A 260 -1.35 -11.94 -2.29
N LEU A 261 -2.12 -12.42 -1.34
CA LEU A 261 -1.65 -13.21 -0.22
C LEU A 261 -2.61 -14.38 -0.07
N LEU A 262 -2.06 -15.57 0.18
CA LEU A 262 -2.84 -16.77 0.44
C LEU A 262 -2.48 -17.32 1.80
N ALA A 263 -3.50 -17.65 2.58
CA ALA A 263 -3.27 -18.22 3.90
C ALA A 263 -4.45 -19.10 4.24
N ASP A 264 -4.41 -19.71 5.42
CA ASP A 264 -5.65 -20.37 5.77
C ASP A 264 -6.76 -19.34 6.05
N ARG A 265 -8.00 -19.83 6.01
CA ARG A 265 -9.14 -18.94 6.19
C ARG A 265 -9.05 -18.12 7.46
N GLU A 266 -8.61 -18.74 8.57
CA GLU A 266 -8.56 -18.04 9.84
C GLU A 266 -7.58 -16.88 9.79
N LEU A 267 -6.38 -17.13 9.26
CA LEU A 267 -5.37 -16.06 9.22
C LEU A 267 -5.72 -15.00 8.18
N ALA A 268 -6.15 -15.42 6.98
CA ALA A 268 -6.57 -14.41 6.02
C ALA A 268 -7.67 -13.54 6.64
N GLY A 269 -8.62 -14.16 7.32
CA GLY A 269 -9.70 -13.41 7.94
C GLY A 269 -9.24 -12.47 9.03
N ARG A 270 -8.27 -12.93 9.83
CA ARG A 270 -7.75 -12.10 10.91
C ARG A 270 -7.00 -10.89 10.36
N LEU A 271 -6.16 -11.11 9.35
CA LEU A 271 -5.47 -9.99 8.75
C LEU A 271 -6.45 -8.98 8.19
N ALA A 272 -7.50 -9.45 7.51
CA ALA A 272 -8.43 -8.54 6.84
C ALA A 272 -9.30 -7.74 7.82
N THR A 273 -9.38 -8.12 9.09
CA THR A 273 -10.11 -7.33 10.07
C THR A 273 -9.23 -6.30 10.75
N HIS A 274 -7.95 -6.21 10.39
CA HIS A 274 -7.07 -5.17 10.90
C HIS A 274 -7.62 -3.79 10.52
N GLY A 275 -7.44 -2.83 11.41
CA GLY A 275 -7.85 -1.47 11.12
C GLY A 275 -7.36 -0.94 9.78
N LEU A 276 -6.19 -1.40 9.33
CA LEU A 276 -5.67 -0.99 8.03
C LEU A 276 -6.69 -1.23 6.93
N PHE A 277 -7.28 -2.43 6.91
CA PHE A 277 -8.24 -2.80 5.89
C PHE A 277 -9.61 -2.20 6.16
N VAL A 278 -10.03 -2.12 7.44
CA VAL A 278 -11.33 -1.52 7.73
C VAL A 278 -11.31 -0.04 7.38
N SER A 279 -10.20 0.66 7.63
CA SER A 279 -10.11 2.09 7.33
C SER A 279 -10.05 2.36 5.82
N GLY A 280 -9.21 1.62 5.10
CA GLY A 280 -8.93 1.96 3.71
C GLY A 280 -9.59 1.11 2.65
N GLY A 281 -10.25 0.02 3.04
CA GLY A 281 -10.76 -0.93 2.10
C GLY A 281 -9.63 -1.69 1.41
N SER A 282 -10.00 -2.29 0.29
CA SER A 282 -9.04 -3.00 -0.54
C SER A 282 -7.78 -2.18 -0.75
N LEU A 283 -6.62 -2.84 -0.61
CA LEU A 283 -5.36 -2.11 -0.62
C LEU A 283 -5.02 -1.49 -1.98
N ASN A 284 -5.62 -1.95 -3.07
CA ASN A 284 -5.46 -1.20 -4.33
C ASN A 284 -6.67 -1.52 -5.20
N HIS A 285 -7.77 -0.80 -4.95
CA HIS A 285 -9.06 -1.21 -5.51
C HIS A 285 -9.15 -0.94 -7.01
N THR A 286 -8.90 0.30 -7.45
CA THR A 286 -9.16 0.62 -8.86
C THR A 286 -8.31 -0.24 -9.78
N THR A 287 -7.00 -0.33 -9.48
CA THR A 287 -6.10 -1.16 -10.29
C THR A 287 -6.47 -2.64 -10.22
N SER A 288 -6.93 -3.13 -9.06
CA SER A 288 -7.34 -4.53 -8.97
C SER A 288 -8.47 -4.83 -9.95
N LEU A 289 -9.37 -3.87 -10.16
CA LEU A 289 -10.49 -4.13 -11.07
C LEU A 289 -10.01 -4.15 -12.52
N ALA A 290 -9.10 -3.24 -12.89
CA ALA A 290 -8.49 -3.31 -14.22
C ALA A 290 -7.89 -4.69 -14.44
N VAL A 291 -7.06 -5.17 -13.51
CA VAL A 291 -6.40 -6.45 -13.68
C VAL A 291 -7.44 -7.59 -13.68
N SER A 292 -8.50 -7.47 -12.88
CA SER A 292 -9.56 -8.49 -12.90
C SER A 292 -10.14 -8.68 -14.29
N THR A 293 -10.28 -7.60 -15.06
CA THR A 293 -10.87 -7.74 -16.39
C THR A 293 -9.95 -8.54 -17.31
N LEU A 294 -8.63 -8.45 -17.09
CA LEU A 294 -7.66 -9.22 -17.88
C LEU A 294 -7.73 -10.70 -17.54
N LEU A 295 -7.89 -11.02 -16.25
CA LEU A 295 -8.04 -12.43 -15.89
C LEU A 295 -9.32 -12.99 -16.46
N ALA A 296 -10.42 -12.22 -16.41
CA ALA A 296 -11.73 -12.69 -16.80
C ALA A 296 -11.80 -13.07 -18.27
N SER A 297 -11.07 -12.37 -19.11
CA SER A 297 -11.14 -12.55 -20.55
C SER A 297 -10.13 -13.55 -21.10
N GLY A 298 -9.23 -14.04 -20.27
CA GLY A 298 -8.13 -14.82 -20.74
C GLY A 298 -6.93 -14.01 -21.19
N ALA A 299 -7.07 -12.68 -21.23
CA ALA A 299 -6.00 -11.86 -21.78
C ALA A 299 -4.75 -11.94 -20.93
N TYR A 300 -4.91 -12.13 -19.62
CA TYR A 300 -3.74 -12.26 -18.76
C TYR A 300 -2.93 -13.47 -19.15
N ASP A 301 -3.59 -14.61 -19.36
CA ASP A 301 -2.90 -15.84 -19.72
C ASP A 301 -2.31 -15.76 -21.12
N ARG A 302 -2.99 -15.08 -22.03
CA ARG A 302 -2.44 -14.93 -23.37
C ARG A 302 -1.20 -14.04 -23.34
N HIS A 303 -1.23 -13.00 -22.51
CA HIS A 303 -0.04 -12.18 -22.30
C HIS A 303 1.08 -13.02 -21.70
N LEU A 304 0.76 -13.86 -20.70
CA LEU A 304 1.79 -14.65 -20.04
C LEU A 304 2.44 -15.61 -21.04
N ASP A 305 1.63 -16.23 -21.92
CA ASP A 305 2.22 -17.14 -22.89
C ASP A 305 3.25 -16.40 -23.76
N ALA A 306 2.87 -15.21 -24.23
CA ALA A 306 3.78 -14.44 -25.08
C ALA A 306 5.01 -13.97 -24.31
N PHE A 307 4.81 -13.49 -23.09
CA PHE A 307 5.91 -12.97 -22.28
C PHE A 307 6.88 -14.07 -21.86
N ARG A 308 6.37 -15.24 -21.49
CA ARG A 308 7.26 -16.37 -21.21
C ARG A 308 8.10 -16.74 -22.42
N ALA A 309 7.51 -16.67 -23.63
CA ALA A 309 8.27 -16.98 -24.83
C ALA A 309 9.37 -15.96 -25.07
N GLN A 310 9.08 -14.68 -24.82
CA GLN A 310 10.09 -13.62 -24.90
C GLN A 310 11.20 -13.84 -23.87
N LEU A 311 10.83 -14.22 -22.64
CA LEU A 311 11.86 -14.46 -21.63
C LEU A 311 12.70 -15.68 -21.97
N ARG A 312 12.07 -16.74 -22.50
CA ARG A 312 12.81 -17.92 -22.88
C ARG A 312 13.86 -17.59 -23.95
N ALA A 313 13.47 -16.79 -24.95
CA ALA A 313 14.42 -16.37 -25.96
C ALA A 313 15.61 -15.63 -25.35
N ARG A 314 15.32 -14.75 -24.38
CA ARG A 314 16.37 -13.98 -23.73
C ARG A 314 17.25 -14.87 -22.86
N ARG A 315 16.64 -15.74 -22.04
CA ARG A 315 17.42 -16.70 -21.28
C ARG A 315 18.35 -17.49 -22.20
N ASP A 316 17.79 -18.07 -23.27
CA ASP A 316 18.59 -18.96 -24.10
C ASP A 316 19.71 -18.19 -24.80
N ALA A 317 19.44 -16.96 -25.22
CA ALA A 317 20.48 -16.13 -25.83
C ALA A 317 21.63 -15.88 -24.86
N LEU A 318 21.30 -15.48 -23.63
CA LEU A 318 22.36 -15.14 -22.67
C LEU A 318 23.13 -16.39 -22.27
N VAL A 319 22.42 -17.47 -21.95
CA VAL A 319 23.07 -18.72 -21.57
C VAL A 319 23.98 -19.21 -22.69
N GLY A 320 23.44 -19.27 -23.90
CA GLY A 320 24.22 -19.77 -25.01
C GLY A 320 25.46 -18.94 -25.26
N ALA A 321 25.33 -17.62 -25.14
CA ALA A 321 26.49 -16.77 -25.33
C ALA A 321 27.54 -16.97 -24.24
N LEU A 322 27.13 -17.29 -23.02
CA LEU A 322 28.10 -17.52 -21.96
C LEU A 322 28.83 -18.86 -22.10
N ARG A 323 28.58 -19.63 -23.17
CA ARG A 323 29.26 -20.90 -23.37
C ARG A 323 30.76 -20.88 -23.09
N ALA A 324 31.47 -19.85 -23.60
CA ALA A 324 32.93 -19.79 -23.45
C ALA A 324 33.37 -19.71 -21.98
N MET A 325 32.69 -18.88 -21.18
CA MET A 325 33.01 -18.79 -19.76
C MET A 325 32.81 -20.12 -19.04
N LEU A 326 31.67 -20.78 -19.27
CA LEU A 326 31.37 -22.02 -18.58
C LEU A 326 32.47 -23.05 -18.81
N ASP A 327 32.88 -23.22 -20.08
CA ASP A 327 33.98 -24.13 -20.35
C ASP A 327 35.29 -23.67 -19.73
N ASP A 328 35.33 -22.46 -19.16
CA ASP A 328 36.53 -21.90 -18.53
C ASP A 328 36.50 -21.95 -17.01
N GLY A 329 35.58 -22.73 -16.41
CA GLY A 329 35.55 -22.93 -14.97
C GLY A 329 34.37 -22.27 -14.27
N VAL A 330 33.74 -21.27 -14.88
CA VAL A 330 32.54 -20.68 -14.31
C VAL A 330 31.40 -21.67 -14.41
N GLU A 331 30.61 -21.78 -13.34
CA GLU A 331 29.53 -22.77 -13.29
C GLU A 331 28.19 -22.04 -13.37
N LEU A 332 27.28 -22.62 -14.14
CA LEU A 332 25.97 -22.01 -14.36
C LEU A 332 24.96 -23.14 -14.48
N ARG A 333 23.93 -23.12 -13.64
CA ARG A 333 22.82 -24.05 -13.73
C ARG A 333 21.67 -23.28 -14.37
N THR A 334 21.22 -23.74 -15.52
CA THR A 334 20.20 -23.00 -16.24
C THR A 334 18.91 -23.00 -15.44
N PRO A 335 18.30 -21.84 -15.20
CA PRO A 335 17.06 -21.83 -14.42
C PRO A 335 15.89 -22.26 -15.28
N GLU A 336 14.92 -22.86 -14.62
CA GLU A 336 13.73 -23.30 -15.32
C GLU A 336 12.78 -22.15 -15.55
N GLY A 337 13.06 -20.98 -14.95
CA GLY A 337 12.12 -19.88 -15.04
C GLY A 337 12.67 -18.66 -14.34
N GLY A 338 11.83 -17.63 -14.32
CA GLY A 338 12.17 -16.39 -13.69
C GLY A 338 12.96 -15.45 -14.59
N PHE A 339 13.77 -14.61 -13.95
CA PHE A 339 14.45 -13.50 -14.60
C PHE A 339 15.97 -13.59 -14.59
N PHE A 340 16.55 -14.51 -13.80
CA PHE A 340 17.96 -14.44 -13.43
C PHE A 340 18.76 -15.69 -13.79
N LEU A 341 20.03 -15.44 -14.16
CA LEU A 341 21.09 -16.44 -14.20
C LEU A 341 22.05 -16.18 -13.03
N TRP A 342 22.61 -17.25 -12.49
CA TRP A 342 23.54 -17.18 -11.38
C TRP A 342 24.86 -17.84 -11.78
N LEU A 343 25.94 -17.04 -11.84
CA LEU A 343 27.26 -17.53 -12.19
C LEU A 343 28.10 -17.74 -10.93
N ARG A 344 28.71 -18.92 -10.81
CA ARG A 344 29.59 -19.24 -9.69
C ARG A 344 30.99 -19.45 -10.21
N ALA A 345 31.90 -18.59 -9.78
CA ALA A 345 33.24 -18.57 -10.36
C ALA A 345 34.21 -19.52 -9.68
N GLY A 346 33.94 -19.95 -8.46
CA GLY A 346 34.77 -20.97 -7.83
C GLY A 346 35.73 -20.40 -6.81
N ASP A 347 36.91 -21.00 -6.70
CA ASP A 347 37.94 -20.52 -5.78
C ASP A 347 39.05 -19.82 -6.56
N GLY A 348 39.66 -18.84 -5.93
CA GLY A 348 40.65 -18.00 -6.57
C GLY A 348 40.05 -16.84 -7.34
N ALA A 349 38.82 -17.00 -7.83
CA ALA A 349 38.10 -15.88 -8.42
C ALA A 349 37.59 -14.97 -7.30
N ASP A 350 37.75 -13.68 -7.50
CA ASP A 350 37.41 -12.67 -6.51
C ASP A 350 36.26 -11.82 -7.04
N GLU A 351 35.23 -11.61 -6.21
CA GLU A 351 34.05 -10.90 -6.70
C GLU A 351 34.42 -9.51 -7.20
N ARG A 352 35.28 -8.80 -6.45
N ARG A 352 35.25 -8.78 -6.45
CA ARG A 352 35.67 -7.45 -6.84
CA ARG A 352 35.60 -7.43 -6.91
C ARG A 352 36.37 -7.43 -8.19
C ARG A 352 36.29 -7.49 -8.26
N GLU A 353 37.23 -8.42 -8.44
CA GLU A 353 37.89 -8.53 -9.74
C GLU A 353 36.85 -8.74 -10.83
N LEU A 354 35.87 -9.61 -10.60
CA LEU A 354 34.88 -9.86 -11.63
C LEU A 354 34.01 -8.61 -11.87
N LEU A 355 33.67 -7.89 -10.80
CA LEU A 355 32.90 -6.66 -10.96
C LEU A 355 33.71 -5.61 -11.70
N ASP A 356 35.01 -5.53 -11.43
CA ASP A 356 35.87 -4.60 -12.18
C ASP A 356 35.85 -4.94 -13.66
N GLY A 357 35.85 -6.21 -14.01
CA GLY A 357 35.78 -6.57 -15.42
C GLY A 357 34.45 -6.18 -16.04
N ALA A 358 33.37 -6.34 -15.28
CA ALA A 358 32.07 -5.87 -15.74
C ALA A 358 32.11 -4.38 -16.01
N ALA A 359 32.76 -3.62 -15.12
CA ALA A 359 32.91 -2.19 -15.35
C ALA A 359 33.70 -1.91 -16.62
N ARG A 360 34.82 -2.62 -16.83
CA ARG A 360 35.59 -2.40 -18.05
C ARG A 360 34.74 -2.71 -19.27
N ALA A 361 33.87 -3.71 -19.16
CA ALA A 361 32.97 -4.14 -20.22
C ALA A 361 31.81 -3.18 -20.46
N GLY A 362 31.59 -2.23 -19.55
CA GLY A 362 30.42 -1.37 -19.64
C GLY A 362 29.12 -2.10 -19.40
N VAL A 363 29.12 -3.09 -18.52
CA VAL A 363 27.97 -3.96 -18.23
C VAL A 363 27.75 -3.91 -16.72
N ARG A 364 26.51 -3.69 -16.30
CA ARG A 364 26.16 -3.75 -14.90
C ARG A 364 25.58 -5.13 -14.59
N ILE A 365 26.12 -5.76 -13.56
CA ILE A 365 25.60 -7.03 -13.04
C ILE A 365 25.39 -6.87 -11.55
N ALA A 366 24.86 -7.90 -10.89
CA ALA A 366 24.61 -7.81 -9.45
C ALA A 366 25.57 -8.71 -8.68
N ALA A 367 26.31 -8.12 -7.76
CA ALA A 367 27.23 -8.86 -6.93
C ALA A 367 26.51 -9.88 -6.08
N GLY A 368 27.04 -11.09 -6.04
CA GLY A 368 26.43 -12.12 -5.23
C GLY A 368 26.42 -11.79 -3.75
N SER A 369 27.40 -11.00 -3.27
CA SER A 369 27.48 -10.67 -1.85
C SER A 369 26.28 -9.86 -1.38
N ARG A 370 25.56 -9.21 -2.32
CA ARG A 370 24.34 -8.50 -1.97
C ARG A 370 23.31 -9.41 -1.36
N PHE A 371 23.33 -10.69 -1.76
CA PHE A 371 22.28 -11.63 -1.40
C PHE A 371 22.62 -12.51 -0.21
N GLY A 372 23.87 -12.53 0.23
CA GLY A 372 24.27 -13.31 1.37
C GLY A 372 25.63 -13.91 1.16
N THR A 373 25.79 -15.13 1.65
CA THR A 373 27.06 -15.84 1.71
C THR A 373 27.13 -16.80 0.53
N THR A 374 28.15 -16.62 -0.30
CA THR A 374 28.39 -17.47 -1.46
C THR A 374 29.53 -18.42 -1.17
N GLN A 375 29.51 -19.55 -1.85
CA GLN A 375 30.66 -20.47 -1.88
C GLN A 375 31.53 -20.03 -3.07
N GLY A 376 32.63 -19.36 -2.79
CA GLY A 376 33.37 -18.65 -3.84
C GLY A 376 32.55 -17.45 -4.30
N ALA A 377 32.97 -16.88 -5.44
CA ALA A 377 32.31 -15.69 -5.95
C ALA A 377 31.06 -16.08 -6.72
N GLY A 378 30.00 -15.30 -6.52
CA GLY A 378 28.78 -15.45 -7.29
C GLY A 378 28.34 -14.13 -7.88
N LEU A 379 27.69 -14.22 -9.05
CA LEU A 379 27.17 -13.07 -9.75
C LEU A 379 25.78 -13.37 -10.30
N ARG A 380 24.86 -12.42 -10.14
CA ARG A 380 23.53 -12.54 -10.71
C ARG A 380 23.42 -11.68 -11.95
N LEU A 381 22.96 -12.27 -13.04
CA LEU A 381 22.74 -11.59 -14.31
C LEU A 381 21.27 -11.72 -14.66
N ALA A 382 20.62 -10.62 -14.97
CA ALA A 382 19.23 -10.66 -15.41
C ALA A 382 19.12 -10.70 -16.91
N PHE A 383 18.17 -11.50 -17.41
CA PHE A 383 17.84 -11.55 -18.84
C PHE A 383 16.48 -10.95 -19.16
N SER A 384 15.83 -10.31 -18.19
CA SER A 384 14.47 -9.80 -18.35
C SER A 384 14.39 -8.43 -18.97
N PHE A 385 15.48 -7.66 -18.97
CA PHE A 385 15.45 -6.21 -19.19
C PHE A 385 15.98 -5.79 -20.56
N ASN A 386 16.48 -6.72 -21.36
CA ASN A 386 17.12 -6.40 -22.63
C ASN A 386 16.74 -7.42 -23.68
N PRO A 387 16.78 -7.04 -24.96
CA PRO A 387 16.52 -8.03 -26.02
C PRO A 387 17.68 -8.99 -26.20
N PRO A 388 17.44 -10.13 -26.83
CA PRO A 388 18.50 -11.15 -26.99
C PRO A 388 19.79 -10.63 -27.57
N ALA A 389 19.74 -9.77 -28.60
CA ALA A 389 20.97 -9.31 -29.23
C ALA A 389 21.85 -8.53 -28.24
N LEU A 390 21.23 -7.70 -27.41
CA LEU A 390 21.98 -6.93 -26.42
C LEU A 390 22.50 -7.82 -25.31
N LEU A 391 21.74 -8.86 -24.92
CA LEU A 391 22.25 -9.81 -23.94
C LEU A 391 23.48 -10.54 -24.47
N GLU A 392 23.47 -10.93 -25.75
CA GLU A 392 24.62 -11.58 -26.36
C GLU A 392 25.82 -10.66 -26.38
N GLN A 393 25.59 -9.38 -26.69
N GLN A 393 25.59 -9.37 -26.66
CA GLN A 393 26.68 -8.40 -26.69
CA GLN A 393 26.69 -8.42 -26.68
C GLN A 393 27.26 -8.26 -25.28
C GLN A 393 27.25 -8.21 -25.29
N ALA A 394 26.39 -8.19 -24.28
CA ALA A 394 26.85 -8.05 -22.90
C ALA A 394 27.69 -9.27 -22.50
N ALA A 395 27.24 -10.47 -22.88
CA ALA A 395 28.02 -11.67 -22.59
C ALA A 395 29.37 -11.65 -23.28
N LYS A 396 29.40 -11.20 -24.53
CA LYS A 396 30.66 -11.10 -25.25
C LYS A 396 31.62 -10.16 -24.53
N ARG A 397 31.12 -8.99 -24.15
CA ARG A 397 31.99 -8.01 -23.49
C ARG A 397 32.46 -8.50 -22.13
N LEU A 398 31.56 -9.11 -21.36
CA LEU A 398 31.94 -9.68 -20.07
C LEU A 398 33.04 -10.73 -20.25
N THR A 399 32.85 -11.66 -21.18
CA THR A 399 33.80 -12.73 -21.36
C THR A 399 35.15 -12.19 -21.80
N THR A 400 35.14 -11.18 -22.67
CA THR A 400 36.38 -10.54 -23.08
C THR A 400 37.10 -9.91 -21.89
N ALA A 401 36.35 -9.16 -21.07
CA ALA A 401 36.96 -8.51 -19.92
C ALA A 401 37.50 -9.51 -18.91
N TRP A 402 36.79 -10.61 -18.70
CA TRP A 402 37.19 -11.60 -17.71
C TRP A 402 38.33 -12.50 -18.16
N SER A 403 38.52 -12.67 -19.47
CA SER A 403 39.54 -13.60 -20.02
C SER A 403 40.95 -13.04 -19.87
N SER B 16 -24.30 8.13 -17.87
CA SER B 16 -23.10 8.43 -17.08
C SER B 16 -22.29 7.18 -16.78
N LEU B 17 -20.98 7.36 -16.67
CA LEU B 17 -20.14 6.24 -16.24
C LEU B 17 -20.16 6.03 -14.74
N SER B 18 -20.76 6.93 -13.99
CA SER B 18 -20.82 6.81 -12.53
C SER B 18 -22.06 6.01 -12.12
N HIS B 19 -22.24 4.86 -12.74
CA HIS B 19 -23.40 4.02 -12.48
C HIS B 19 -23.14 3.10 -11.29
N THR B 20 -24.22 2.50 -10.78
CA THR B 20 -24.19 1.69 -9.56
C THR B 20 -24.51 0.23 -9.83
N ARG B 21 -24.34 -0.23 -11.08
CA ARG B 21 -24.65 -1.61 -11.40
C ARG B 21 -23.75 -2.60 -10.66
N GLN B 22 -22.58 -2.17 -10.20
CA GLN B 22 -21.68 -3.05 -9.45
C GLN B 22 -21.43 -2.53 -8.04
N TRP B 23 -22.29 -1.64 -7.54
CA TRP B 23 -22.20 -1.11 -6.18
C TRP B 23 -22.84 -2.12 -5.26
N ARG B 24 -22.10 -3.18 -5.00
CA ARG B 24 -22.66 -4.37 -4.38
C ARG B 24 -21.68 -4.95 -3.36
N PRO B 25 -22.19 -5.68 -2.39
CA PRO B 25 -21.29 -6.38 -1.46
C PRO B 25 -20.36 -7.32 -2.21
N GLY B 26 -19.12 -7.35 -1.76
CA GLY B 26 -18.06 -8.06 -2.41
C GLY B 26 -17.30 -7.26 -3.43
N VAL B 27 -17.84 -6.13 -3.88
CA VAL B 27 -17.12 -5.22 -4.73
C VAL B 27 -16.73 -3.97 -3.96
N VAL B 28 -17.70 -3.28 -3.39
CA VAL B 28 -17.43 -2.11 -2.58
C VAL B 28 -17.37 -2.54 -1.12
N GLN B 29 -16.91 -1.62 -0.27
CA GLN B 29 -16.58 -1.98 1.11
C GLN B 29 -17.81 -2.40 1.91
N GLU B 30 -18.90 -1.66 1.77
CA GLU B 30 -20.09 -1.96 2.54
C GLU B 30 -21.26 -1.32 1.83
N VAL B 31 -22.39 -2.00 1.83
CA VAL B 31 -23.66 -1.44 1.34
C VAL B 31 -24.68 -1.65 2.44
N ALA B 32 -25.41 -0.60 2.76
CA ALA B 32 -26.41 -0.68 3.81
C ALA B 32 -27.56 -1.58 3.36
N PRO B 33 -28.35 -2.09 4.31
CA PRO B 33 -29.48 -2.95 3.92
C PRO B 33 -30.43 -2.20 3.01
N ALA B 34 -31.14 -2.96 2.18
CA ALA B 34 -32.10 -2.38 1.25
C ALA B 34 -33.19 -1.64 2.01
N GLY B 35 -33.56 -0.48 1.48
CA GLY B 35 -34.56 0.35 2.10
C GLY B 35 -34.02 1.38 3.07
N VAL B 36 -32.77 1.27 3.48
CA VAL B 36 -32.21 2.17 4.49
C VAL B 36 -31.59 3.36 3.80
N LEU B 37 -31.99 4.58 4.20
CA LEU B 37 -31.39 5.83 3.76
C LEU B 37 -30.10 6.01 4.54
N ASP B 38 -28.97 5.94 3.86
CA ASP B 38 -27.69 5.75 4.51
C ASP B 38 -26.96 7.07 4.68
N LEU B 39 -27.06 7.64 5.88
CA LEU B 39 -26.27 8.79 6.30
C LEU B 39 -25.14 8.38 7.25
N GLY B 40 -24.70 7.13 7.19
CA GLY B 40 -23.65 6.65 8.07
C GLY B 40 -22.24 7.00 7.59
N PRO B 41 -21.74 6.23 6.64
CA PRO B 41 -20.35 6.43 6.21
C PRO B 41 -20.16 7.70 5.41
N GLY B 42 -18.96 8.25 5.55
CA GLY B 42 -18.55 9.41 4.76
C GLY B 42 -18.09 8.99 3.38
N TYR B 43 -18.98 8.29 2.67
CA TYR B 43 -18.75 7.91 1.28
C TYR B 43 -19.23 9.01 0.35
N ILE B 44 -18.62 9.09 -0.82
CA ILE B 44 -19.07 10.01 -1.86
C ILE B 44 -20.21 9.38 -2.64
N GLU B 45 -21.29 10.13 -2.82
CA GLU B 45 -22.43 9.68 -3.59
C GLU B 45 -21.96 9.10 -4.92
N PRO B 46 -22.43 7.92 -5.34
CA PRO B 46 -21.81 7.28 -6.52
C PRO B 46 -21.87 8.15 -7.76
N ALA B 47 -23.00 8.85 -7.98
CA ALA B 47 -23.14 9.71 -9.14
C ALA B 47 -22.12 10.84 -9.15
N LEU B 48 -21.58 11.21 -7.98
CA LEU B 48 -20.58 12.28 -7.91
C LEU B 48 -19.14 11.80 -8.05
N LEU B 49 -18.90 10.50 -8.05
CA LEU B 49 -17.55 10.02 -8.23
C LEU B 49 -17.12 10.28 -9.67
N PRO B 50 -15.93 10.84 -9.90
CA PRO B 50 -15.55 11.26 -11.26
C PRO B 50 -14.97 10.12 -12.10
N VAL B 51 -15.81 9.12 -12.39
CA VAL B 51 -15.37 7.96 -13.16
C VAL B 51 -14.86 8.38 -14.53
N ARG B 52 -15.66 9.16 -15.27
CA ARG B 52 -15.23 9.56 -16.61
C ARG B 52 -13.91 10.31 -16.59
N LEU B 53 -13.74 11.21 -15.64
CA LEU B 53 -12.48 11.95 -15.51
C LEU B 53 -11.29 11.00 -15.30
N LEU B 54 -11.45 9.99 -14.43
CA LEU B 54 -10.34 9.10 -14.17
C LEU B 54 -10.08 8.18 -15.38
N ARG B 55 -11.12 7.79 -16.11
N ARG B 55 -11.14 7.81 -16.10
CA ARG B 55 -10.87 7.01 -17.30
CA ARG B 55 -10.94 7.02 -17.32
C ARG B 55 -9.96 7.77 -18.25
C ARG B 55 -10.02 7.75 -18.29
N GLY B 56 -10.27 9.05 -18.48
CA GLY B 56 -9.43 9.86 -19.35
C GLY B 56 -8.04 10.02 -18.78
N ALA B 57 -7.93 10.07 -17.44
CA ALA B 57 -6.65 10.22 -16.77
C ALA B 57 -5.76 9.01 -17.00
N TYR B 58 -6.30 7.78 -16.86
CA TYR B 58 -5.48 6.60 -17.11
C TYR B 58 -5.09 6.53 -18.58
N GLU B 59 -6.03 6.85 -19.47
CA GLU B 59 -5.74 6.87 -20.90
C GLU B 59 -4.59 7.80 -21.19
N GLN B 60 -4.66 9.03 -20.67
CA GLN B 60 -3.62 10.00 -20.96
C GLN B 60 -2.29 9.59 -20.34
N ALA B 61 -2.32 9.14 -19.09
CA ALA B 61 -1.09 8.85 -18.39
C ALA B 61 -0.35 7.69 -19.02
N LEU B 62 -1.07 6.65 -19.42
CA LEU B 62 -0.39 5.52 -20.02
C LEU B 62 0.20 5.90 -21.37
N ALA B 63 -0.50 6.73 -22.15
CA ALA B 63 0.07 7.20 -23.41
C ALA B 63 1.28 8.10 -23.18
N GLU B 64 1.18 9.04 -22.23
N GLU B 64 1.18 9.05 -22.24
CA GLU B 64 2.23 10.03 -22.03
CA GLU B 64 2.23 10.03 -22.03
C GLU B 64 3.47 9.40 -21.40
C GLU B 64 3.47 9.39 -21.41
N TYR B 65 3.28 8.59 -20.37
CA TYR B 65 4.38 7.97 -19.63
C TYR B 65 4.83 6.63 -20.22
N GLY B 66 4.03 6.01 -21.08
CA GLY B 66 4.43 4.78 -21.73
C GLY B 66 4.88 3.73 -20.72
N ALA B 67 5.95 3.01 -21.09
CA ALA B 67 6.45 1.92 -20.25
C ALA B 67 6.76 2.39 -18.83
N ALA B 68 7.14 3.65 -18.67
CA ALA B 68 7.48 4.17 -17.35
C ALA B 68 6.30 4.14 -16.41
N ALA B 69 5.08 4.10 -16.94
CA ALA B 69 3.88 3.98 -16.11
C ALA B 69 3.74 2.61 -15.48
N LEU B 70 4.36 1.56 -16.06
CA LEU B 70 4.25 0.22 -15.54
C LEU B 70 5.53 -0.29 -14.89
N GLY B 71 6.65 0.42 -15.03
CA GLY B 71 7.85 0.03 -14.31
C GLY B 71 7.77 0.42 -12.84
N TYR B 72 8.75 -0.01 -12.06
CA TYR B 72 8.85 0.44 -10.67
C TYR B 72 8.94 1.97 -10.66
N GLY B 73 8.17 2.60 -9.80
CA GLY B 73 8.22 4.06 -9.69
C GLY B 73 9.33 4.56 -8.79
N HIS B 74 9.76 5.80 -9.06
CA HIS B 74 10.65 6.54 -8.19
C HIS B 74 10.16 6.42 -6.74
N ASP B 75 11.06 6.02 -5.84
CA ASP B 75 10.67 5.55 -4.51
C ASP B 75 9.75 6.51 -3.74
N PRO B 76 10.05 7.81 -3.59
CA PRO B 76 9.13 8.69 -2.86
C PRO B 76 7.91 9.09 -3.66
N GLY B 77 7.82 8.67 -4.91
CA GLY B 77 6.73 9.07 -5.79
C GLY B 77 7.25 9.85 -6.98
N ALA B 78 6.55 9.71 -8.11
CA ALA B 78 6.94 10.41 -9.33
C ALA B 78 7.11 11.89 -9.06
N GLN B 79 8.23 12.42 -9.52
CA GLN B 79 8.55 13.82 -9.24
C GLN B 79 7.50 14.79 -9.75
N PRO B 80 6.87 14.61 -10.91
CA PRO B 80 5.91 15.62 -11.35
C PRO B 80 4.78 15.78 -10.37
N LEU B 81 4.36 14.70 -9.72
CA LEU B 81 3.26 14.82 -8.79
C LEU B 81 3.76 15.44 -7.47
N ARG B 82 4.92 14.96 -6.97
N ARG B 82 4.94 15.08 -6.99
CA ARG B 82 5.58 15.57 -5.82
CA ARG B 82 5.36 15.67 -5.74
C ARG B 82 5.65 17.08 -5.98
C ARG B 82 5.79 17.13 -5.90
N ASP B 83 6.23 17.54 -7.09
CA ASP B 83 6.41 18.97 -7.33
C ASP B 83 5.08 19.71 -7.21
N ARG B 84 4.02 19.16 -7.81
CA ARG B 84 2.77 19.92 -7.78
C ARG B 84 2.10 19.86 -6.41
N LEU B 85 2.23 18.74 -5.70
CA LEU B 85 1.64 18.64 -4.37
C LEU B 85 2.34 19.60 -3.40
N ALA B 86 3.67 19.74 -3.53
CA ALA B 86 4.35 20.73 -2.69
C ALA B 86 3.85 22.13 -2.98
N ALA B 87 3.72 22.47 -4.26
CA ALA B 87 3.28 23.81 -4.63
C ALA B 87 1.86 24.08 -4.13
N ARG B 88 1.01 23.05 -4.12
CA ARG B 88 -0.36 23.23 -3.64
C ARG B 88 -0.38 23.42 -2.14
N ALA B 89 0.47 22.70 -1.41
CA ALA B 89 0.56 22.87 0.03
C ALA B 89 1.02 24.26 0.36
N ALA B 90 2.07 24.74 -0.34
CA ALA B 90 2.59 26.06 -0.05
C ALA B 90 1.54 27.12 -0.33
N ALA B 91 0.79 26.96 -1.42
CA ALA B 91 -0.20 27.97 -1.76
C ALA B 91 -1.32 28.02 -0.72
N ALA B 92 -1.73 26.85 -0.22
CA ALA B 92 -2.81 26.77 0.75
C ALA B 92 -2.39 27.31 2.10
N ASP B 93 -1.16 27.02 2.52
CA ASP B 93 -0.63 27.48 3.79
C ASP B 93 -0.14 28.91 3.75
N GLY B 94 0.22 29.42 2.56
CA GLY B 94 0.93 30.68 2.48
C GLY B 94 2.35 30.61 2.97
N LEU B 95 2.91 29.40 3.05
CA LEU B 95 4.22 29.14 3.62
C LEU B 95 4.92 28.10 2.76
N PRO B 96 6.26 28.09 2.76
CA PRO B 96 6.99 27.23 1.82
C PRO B 96 6.80 25.74 2.05
N CYS B 97 6.90 25.00 0.95
CA CYS B 97 6.91 23.55 0.98
C CYS B 97 7.71 23.09 -0.23
N ASP B 98 8.81 22.35 0.01
N ASP B 98 8.78 22.36 0.01
CA ASP B 98 9.67 21.86 -1.07
CA ASP B 98 9.66 21.84 -1.03
C ASP B 98 9.26 20.45 -1.49
C ASP B 98 9.23 20.44 -1.49
N PRO B 99 9.40 20.12 -2.77
CA PRO B 99 9.09 18.74 -3.22
C PRO B 99 9.81 17.66 -2.43
N ASP B 100 10.97 17.96 -1.84
CA ASP B 100 11.66 16.91 -1.10
C ASP B 100 11.03 16.64 0.26
N GLN B 101 9.97 17.36 0.60
CA GLN B 101 9.19 17.11 1.81
C GLN B 101 8.02 16.18 1.56
N VAL B 102 7.80 15.78 0.32
CA VAL B 102 6.59 15.05 -0.08
C VAL B 102 6.95 13.60 -0.33
N LEU B 103 6.09 12.71 0.13
N LEU B 103 6.20 12.70 0.27
CA LEU B 103 6.22 11.27 -0.04
CA LEU B 103 6.19 11.28 -0.08
C LEU B 103 4.85 10.69 -0.38
C LEU B 103 4.79 10.91 -0.54
N LEU B 104 4.71 10.08 -1.56
CA LEU B 104 3.44 9.48 -1.97
C LEU B 104 3.12 8.26 -1.11
N THR B 105 1.84 8.09 -0.81
CA THR B 105 1.33 6.95 -0.08
C THR B 105 0.28 6.25 -0.92
N SER B 106 -0.12 5.06 -0.48
CA SER B 106 -1.27 4.37 -1.06
C SER B 106 -2.54 4.60 -0.24
N GLY B 107 -2.70 5.80 0.32
CA GLY B 107 -3.84 6.15 1.12
C GLY B 107 -3.43 6.48 2.54
N THR B 108 -4.21 7.34 3.20
CA THR B 108 -3.85 7.68 4.57
C THR B 108 -3.93 6.48 5.49
N SER B 109 -4.83 5.51 5.22
CA SER B 109 -4.88 4.32 6.06
C SER B 109 -3.54 3.62 6.07
N GLN B 110 -2.95 3.41 4.89
N GLN B 110 -2.94 3.40 4.89
CA GLN B 110 -1.62 2.81 4.80
CA GLN B 110 -1.61 2.80 4.86
C GLN B 110 -0.57 3.71 5.45
C GLN B 110 -0.57 3.72 5.49
N ALA B 111 -0.64 5.02 5.25
CA ALA B 111 0.30 5.94 5.88
C ALA B 111 0.22 5.86 7.41
N LEU B 112 -1.00 5.79 7.94
CA LEU B 112 -1.15 5.64 9.40
C LEU B 112 -0.53 4.34 9.89
N TYR B 113 -0.73 3.26 9.14
CA TYR B 113 -0.12 1.99 9.49
C TYR B 113 1.40 2.11 9.50
N LEU B 114 1.95 2.72 8.46
CA LEU B 114 3.39 2.95 8.36
C LEU B 114 3.92 3.73 9.56
N LEU B 115 3.28 4.84 9.90
CA LEU B 115 3.77 5.62 11.04
C LEU B 115 3.62 4.86 12.36
N ALA B 116 2.51 4.14 12.54
CA ALA B 116 2.25 3.44 13.77
C ALA B 116 3.21 2.29 14.00
N THR B 117 3.89 1.83 12.96
CA THR B 117 4.82 0.73 13.07
C THR B 117 6.27 1.16 12.85
N SER B 118 6.52 2.30 12.24
N SER B 118 6.52 2.34 12.29
CA SER B 118 7.88 2.80 12.06
CA SER B 118 7.88 2.80 12.04
C SER B 118 8.25 3.86 13.08
C SER B 118 8.29 3.96 12.94
N LEU B 119 7.35 4.81 13.34
CA LEU B 119 7.62 5.89 14.28
C LEU B 119 7.06 5.60 15.66
N ALA B 120 6.66 4.36 15.91
CA ALA B 120 6.15 3.93 17.19
C ALA B 120 6.47 2.44 17.33
N ALA B 121 6.57 1.99 18.57
CA ALA B 121 6.80 0.59 18.87
C ALA B 121 5.63 0.06 19.69
N PRO B 122 5.39 -1.25 19.65
CA PRO B 122 4.32 -1.82 20.49
C PRO B 122 4.42 -1.37 21.94
N GLY B 123 3.27 -1.02 22.50
CA GLY B 123 3.18 -0.51 23.84
C GLY B 123 3.27 1.00 23.96
N ASP B 124 3.76 1.70 22.95
CA ASP B 124 3.77 3.15 23.00
C ASP B 124 2.34 3.70 23.01
N THR B 125 2.20 4.94 23.48
CA THR B 125 0.90 5.60 23.59
C THR B 125 0.74 6.64 22.47
N VAL B 126 -0.47 6.67 21.90
CA VAL B 126 -0.90 7.73 21.00
C VAL B 126 -1.94 8.57 21.75
N LEU B 127 -1.75 9.89 21.77
CA LEU B 127 -2.73 10.79 22.36
C LEU B 127 -3.66 11.31 21.28
N THR B 128 -4.96 11.27 21.56
CA THR B 128 -5.98 11.71 20.63
C THR B 128 -6.96 12.61 21.35
N GLU B 129 -7.75 13.34 20.57
CA GLU B 129 -8.89 14.04 21.15
C GLU B 129 -9.92 13.05 21.68
N GLU B 130 -10.73 13.54 22.64
CA GLU B 130 -11.86 12.80 23.19
C GLU B 130 -12.74 12.19 22.10
N LEU B 131 -12.89 12.90 21.00
CA LEU B 131 -13.64 12.43 19.83
C LEU B 131 -12.70 12.50 18.65
N CYS B 132 -12.53 11.39 17.95
CA CYS B 132 -11.69 11.42 16.76
C CYS B 132 -12.03 10.21 15.90
N TYR B 133 -11.36 10.13 14.75
CA TYR B 133 -11.62 9.12 13.74
C TYR B 133 -11.57 7.71 14.32
N ASP B 134 -12.69 6.99 14.22
CA ASP B 134 -12.80 5.70 14.90
C ASP B 134 -11.90 4.65 14.27
N LEU B 135 -11.83 4.60 12.94
CA LEU B 135 -11.03 3.57 12.30
C LEU B 135 -9.55 3.88 12.40
N GLY B 136 -9.20 5.15 12.55
CA GLY B 136 -7.83 5.50 12.86
C GLY B 136 -7.39 4.96 14.21
N GLN B 137 -8.23 5.14 15.24
CA GLN B 137 -7.99 4.49 16.53
C GLN B 137 -7.75 3.00 16.35
N ARG B 138 -8.54 2.37 15.48
CA ARG B 138 -8.44 0.92 15.32
C ARG B 138 -7.10 0.52 14.71
N ILE B 139 -6.61 1.31 13.75
CA ILE B 139 -5.27 1.07 13.22
C ILE B 139 -4.27 1.10 14.36
N PHE B 140 -4.32 2.13 15.21
CA PHE B 140 -3.32 2.24 16.26
C PHE B 140 -3.42 1.08 17.24
N ARG B 141 -4.63 0.71 17.63
CA ARG B 141 -4.81 -0.39 18.57
C ARG B 141 -4.31 -1.70 17.98
N ASP B 142 -4.61 -1.93 16.70
CA ASP B 142 -4.19 -3.17 16.10
C ASP B 142 -2.69 -3.22 15.84
N CYS B 143 -2.02 -2.08 15.85
CA CYS B 143 -0.57 -2.00 15.84
C CYS B 143 0.02 -2.05 17.26
N SER B 144 -0.78 -2.47 18.24
CA SER B 144 -0.38 -2.66 19.63
C SER B 144 -0.01 -1.34 20.30
N LEU B 145 -0.60 -0.24 19.85
CA LEU B 145 -0.42 1.03 20.55
C LEU B 145 -1.54 1.25 21.54
N ARG B 146 -1.20 1.91 22.62
CA ARG B 146 -2.15 2.31 23.65
C ARG B 146 -2.72 3.67 23.30
N LEU B 147 -3.99 3.87 23.57
CA LEU B 147 -4.67 5.12 23.26
C LEU B 147 -5.02 5.85 24.54
N ARG B 148 -4.80 7.17 24.54
CA ARG B 148 -5.26 7.99 25.65
C ARG B 148 -5.92 9.24 25.10
N GLN B 149 -7.15 9.49 25.56
N GLN B 149 -7.11 9.55 25.62
CA GLN B 149 -7.93 10.64 25.11
CA GLN B 149 -7.93 10.63 25.11
C GLN B 149 -7.54 11.90 25.87
C GLN B 149 -7.69 11.91 25.90
N VAL B 150 -7.67 13.04 25.19
CA VAL B 150 -7.39 14.36 25.76
C VAL B 150 -8.63 15.23 25.59
N ALA B 151 -8.98 15.97 26.66
CA ALA B 151 -10.14 16.84 26.63
C ALA B 151 -10.08 17.82 25.46
N MET B 152 -11.26 18.12 24.91
CA MET B 152 -11.40 18.98 23.74
C MET B 152 -12.56 19.96 23.99
N ASP B 153 -12.56 21.04 23.23
CA ASP B 153 -13.73 21.93 23.19
C ASP B 153 -14.10 22.09 21.72
N GLY B 154 -14.91 23.11 21.42
CA GLY B 154 -15.37 23.32 20.06
C GLY B 154 -14.27 23.66 19.08
N SER B 155 -13.07 23.93 19.57
CA SER B 155 -11.92 24.19 18.72
C SER B 155 -10.93 23.03 18.67
N GLY B 156 -11.22 21.91 19.31
CA GLY B 156 -10.32 20.77 19.28
C GLY B 156 -9.60 20.58 20.59
N MET B 157 -8.51 19.81 20.53
CA MET B 157 -7.77 19.46 21.73
C MET B 157 -7.43 20.69 22.56
N LEU B 158 -7.58 20.57 23.88
CA LEU B 158 -7.25 21.66 24.80
C LEU B 158 -5.76 21.62 25.13
N PRO B 159 -5.04 22.73 24.98
CA PRO B 159 -3.59 22.73 25.25
C PRO B 159 -3.19 22.36 26.67
N ASP B 160 -3.91 22.84 27.69
CA ASP B 160 -3.58 22.47 29.06
C ASP B 160 -3.81 20.98 29.31
N ALA B 161 -4.88 20.43 28.72
CA ALA B 161 -5.15 19.01 28.89
C ALA B 161 -4.06 18.17 28.22
N LEU B 162 -3.59 18.61 27.06
CA LEU B 162 -2.50 17.91 26.40
C LEU B 162 -1.24 18.00 27.25
N ASP B 163 -0.94 19.19 27.77
CA ASP B 163 0.22 19.35 28.62
C ASP B 163 0.15 18.40 29.80
N ARG B 164 -1.02 18.29 30.44
CA ARG B 164 -1.13 17.39 31.59
C ARG B 164 -0.99 15.93 31.16
N ALA B 165 -1.55 15.58 30.01
CA ALA B 165 -1.49 14.18 29.61
C ALA B 165 -0.06 13.76 29.32
N LEU B 166 0.71 14.64 28.69
CA LEU B 166 2.11 14.35 28.42
C LEU B 166 2.93 14.34 29.70
N THR B 167 2.63 15.26 30.62
CA THR B 167 3.33 15.26 31.89
C THR B 167 3.01 13.99 32.68
N GLU B 168 1.72 13.62 32.73
CA GLU B 168 1.32 12.43 33.47
C GLU B 168 1.93 11.17 32.85
N GLY B 169 1.80 11.03 31.53
CA GLY B 169 2.37 9.90 30.85
C GLY B 169 3.85 9.72 31.16
N ALA B 170 4.61 10.82 31.15
CA ALA B 170 6.03 10.76 31.48
C ALA B 170 6.24 10.16 32.87
N ARG B 171 5.54 10.69 33.87
CA ARG B 171 5.74 10.21 35.23
C ARG B 171 5.33 8.75 35.37
N ALA B 172 4.41 8.30 34.53
CA ALA B 172 3.96 6.91 34.57
C ALA B 172 4.83 5.99 33.73
N GLY B 173 5.88 6.51 33.11
CA GLY B 173 6.69 5.71 32.21
C GLY B 173 6.01 5.31 30.93
N ALA B 174 4.97 6.03 30.52
CA ALA B 174 4.25 5.75 29.28
C ALA B 174 4.85 6.57 28.13
N LYS B 175 5.55 5.90 27.23
CA LYS B 175 6.19 6.59 26.11
C LYS B 175 5.12 7.03 25.12
N THR B 176 5.09 8.33 24.81
CA THR B 176 4.13 8.84 23.84
C THR B 176 4.76 8.85 22.46
N ALA B 177 4.22 8.04 21.56
CA ALA B 177 4.78 7.98 20.21
C ALA B 177 4.44 9.23 19.44
N PHE B 178 3.18 9.65 19.48
CA PHE B 178 2.80 10.87 18.81
C PHE B 178 1.41 11.28 19.27
N VAL B 179 1.10 12.53 18.99
CA VAL B 179 -0.24 13.08 19.14
C VAL B 179 -0.90 13.07 17.78
N TYR B 180 -2.09 12.45 17.70
CA TYR B 180 -2.88 12.36 16.48
C TYR B 180 -3.99 13.41 16.47
N LEU B 181 -4.02 14.25 15.44
CA LEU B 181 -4.93 15.39 15.36
C LEU B 181 -5.50 15.48 13.95
N THR B 182 -6.81 15.74 13.85
CA THR B 182 -7.45 16.12 12.59
C THR B 182 -7.98 17.54 12.78
N PRO B 183 -7.19 18.56 12.44
CA PRO B 183 -7.57 19.93 12.84
C PRO B 183 -8.60 20.60 11.96
N THR B 184 -8.82 20.13 10.72
CA THR B 184 -9.69 20.82 9.77
C THR B 184 -10.84 19.92 9.35
N HIS B 185 -12.07 20.40 9.52
CA HIS B 185 -13.28 19.63 9.19
C HIS B 185 -13.23 18.27 9.89
N HIS B 186 -13.18 18.36 11.22
CA HIS B 186 -12.88 17.24 12.11
C HIS B 186 -13.88 16.10 11.92
N ASN B 187 -13.37 14.87 11.95
CA ASN B 187 -14.25 13.70 11.96
C ASN B 187 -14.32 13.23 13.41
N PRO B 188 -15.49 13.27 14.08
CA PRO B 188 -16.85 13.51 13.56
C PRO B 188 -17.46 14.88 13.77
N THR B 189 -16.84 15.83 14.44
CA THR B 189 -17.60 17.00 14.88
C THR B 189 -17.78 18.04 13.78
N GLY B 190 -16.94 18.02 12.76
CA GLY B 190 -16.98 19.02 11.72
C GLY B 190 -16.26 20.30 12.05
N HIS B 191 -15.66 20.42 13.23
CA HIS B 191 -15.06 21.69 13.61
C HIS B 191 -13.77 21.93 12.85
N THR B 192 -13.32 23.18 12.87
CA THR B 192 -12.00 23.54 12.34
C THR B 192 -11.25 24.28 13.43
N MET B 193 -10.09 23.77 13.79
CA MET B 193 -9.27 24.36 14.83
C MET B 193 -8.72 25.70 14.35
N PRO B 194 -8.90 26.78 15.09
CA PRO B 194 -8.39 28.08 14.62
C PRO B 194 -6.89 28.23 14.85
N LEU B 195 -6.34 29.25 14.17
CA LEU B 195 -4.91 29.49 14.21
C LEU B 195 -4.35 29.55 15.63
N ALA B 196 -5.00 30.33 16.52
CA ALA B 196 -4.45 30.51 17.85
C ALA B 196 -4.31 29.18 18.58
N ARG B 197 -5.34 28.32 18.49
CA ARG B 197 -5.28 27.01 19.12
C ARG B 197 -4.18 26.16 18.52
N ARG B 198 -4.02 26.20 17.20
CA ARG B 198 -2.96 25.45 16.54
C ARG B 198 -1.60 25.81 17.13
N ARG B 199 -1.36 27.11 17.30
N ARG B 199 -1.35 27.11 17.31
CA ARG B 199 -0.06 27.55 17.83
CA ARG B 199 -0.06 27.53 17.84
C ARG B 199 0.13 27.08 19.26
C ARG B 199 0.13 27.07 19.27
N LEU B 200 -0.91 27.14 20.08
CA LEU B 200 -0.79 26.73 21.48
C LEU B 200 -0.49 25.24 21.58
N LEU B 201 -1.13 24.41 20.74
CA LEU B 201 -0.85 22.98 20.80
C LEU B 201 0.58 22.69 20.33
N LEU B 202 1.06 23.41 19.31
CA LEU B 202 2.42 23.19 18.84
C LEU B 202 3.43 23.53 19.95
N GLU B 203 3.16 24.60 20.69
CA GLU B 203 4.07 24.99 21.78
C GLU B 203 4.16 23.90 22.82
N VAL B 204 3.01 23.34 23.21
CA VAL B 204 3.01 22.27 24.19
C VAL B 204 3.78 21.07 23.67
N ALA B 205 3.51 20.67 22.43
CA ALA B 205 4.17 19.50 21.87
C ALA B 205 5.67 19.71 21.76
N ALA B 206 6.09 20.90 21.36
CA ALA B 206 7.51 21.22 21.25
C ALA B 206 8.21 21.16 22.60
N ARG B 207 7.53 21.60 23.66
CA ARG B 207 8.15 21.59 24.99
C ARG B 207 8.46 20.18 25.45
N HIS B 208 7.58 19.22 25.13
CA HIS B 208 7.78 17.81 25.44
C HIS B 208 8.49 17.07 24.32
N ASP B 209 8.77 17.76 23.21
CA ASP B 209 9.39 17.18 22.02
C ASP B 209 8.69 15.88 21.59
N VAL B 210 7.39 16.00 21.40
CA VAL B 210 6.56 14.89 20.95
C VAL B 210 6.12 15.17 19.53
N LEU B 211 6.16 14.15 18.69
CA LEU B 211 5.70 14.25 17.31
C LEU B 211 4.19 14.43 17.23
N ILE B 212 3.73 15.26 16.28
CA ILE B 212 2.32 15.37 15.94
C ILE B 212 2.11 14.73 14.59
N VAL B 213 1.10 13.86 14.47
CA VAL B 213 0.63 13.32 13.20
C VAL B 213 -0.68 14.04 12.88
N GLU B 214 -0.66 14.86 11.83
CA GLU B 214 -1.77 15.71 11.44
C GLU B 214 -2.45 15.06 10.24
N ASP B 215 -3.65 14.53 10.45
CA ASP B 215 -4.41 13.83 9.41
C ASP B 215 -5.36 14.84 8.78
N ASP B 216 -5.09 15.22 7.54
CA ASP B 216 -5.80 16.30 6.89
C ASP B 216 -6.63 15.82 5.70
N ALA B 217 -7.42 14.76 5.90
CA ALA B 217 -8.15 14.13 4.81
C ALA B 217 -9.19 15.04 4.16
N TYR B 218 -9.70 16.05 4.88
CA TYR B 218 -10.79 16.90 4.41
C TYR B 218 -10.30 18.31 4.11
N THR B 219 -8.98 18.52 3.99
CA THR B 219 -8.45 19.88 3.90
C THR B 219 -8.92 20.61 2.66
N GLU B 220 -9.14 19.90 1.54
CA GLU B 220 -9.54 20.55 0.29
C GLU B 220 -11.04 20.74 0.16
N LEU B 221 -11.79 20.51 1.22
CA LEU B 221 -13.25 20.50 1.15
C LEU B 221 -13.90 21.62 1.96
N SER B 222 -13.29 22.81 1.97
N SER B 222 -13.28 22.81 1.96
CA SER B 222 -13.97 23.98 2.50
CA SER B 222 -13.95 24.02 2.42
C SER B 222 -15.14 24.33 1.59
C SER B 222 -15.17 24.26 1.55
N LEU B 223 -16.31 24.51 2.19
CA LEU B 223 -17.54 24.65 1.43
C LEU B 223 -17.97 26.10 1.27
N ILE B 224 -17.32 27.02 1.97
CA ILE B 224 -17.54 28.47 1.78
C ILE B 224 -16.55 28.93 0.74
N PRO B 225 -16.97 29.25 -0.49
CA PRO B 225 -16.01 29.66 -1.52
C PRO B 225 -15.27 30.92 -1.10
N ASP B 226 -14.02 31.01 -1.53
CA ASP B 226 -13.09 32.08 -1.16
C ASP B 226 -12.70 32.04 0.32
N ARG B 227 -13.14 31.04 1.08
CA ARG B 227 -12.62 30.79 2.41
C ARG B 227 -11.80 29.51 2.42
N THR B 228 -10.69 29.55 3.12
CA THR B 228 -9.78 28.41 3.21
C THR B 228 -9.47 28.14 4.68
N PRO B 229 -9.12 26.91 5.03
CA PRO B 229 -8.75 26.61 6.40
C PRO B 229 -7.50 27.37 6.80
N PRO B 230 -7.21 27.46 8.09
CA PRO B 230 -5.94 28.04 8.51
C PRO B 230 -4.77 27.17 8.05
N PRO B 231 -3.55 27.70 8.09
CA PRO B 231 -2.41 26.89 7.69
C PRO B 231 -2.29 25.65 8.56
N SER B 232 -1.72 24.60 7.95
CA SER B 232 -1.57 23.33 8.66
C SER B 232 -0.68 23.50 9.89
N LEU B 233 -0.88 22.61 10.87
CA LEU B 233 0.07 22.51 11.97
C LEU B 233 1.49 22.33 11.46
N ALA B 234 1.66 21.46 10.46
CA ALA B 234 2.99 21.20 9.91
C ALA B 234 3.65 22.49 9.43
N ALA B 235 2.93 23.29 8.64
CA ALA B 235 3.54 24.50 8.11
C ALA B 235 3.79 25.51 9.21
N LEU B 236 2.88 25.62 10.17
CA LEU B 236 3.07 26.55 11.28
C LEU B 236 4.29 26.19 12.12
N ALA B 237 4.61 24.90 12.20
CA ALA B 237 5.78 24.42 12.94
C ALA B 237 7.05 24.45 12.10
N GLY B 238 7.00 24.97 10.89
CA GLY B 238 8.14 24.85 9.99
C GLY B 238 8.52 23.42 9.72
N TYR B 239 7.55 22.51 9.78
CA TYR B 239 7.71 21.07 9.59
C TYR B 239 8.61 20.43 10.65
N ARG B 240 8.85 21.12 11.75
CA ARG B 240 9.56 20.54 12.88
C ARG B 240 8.59 19.68 13.70
N ARG B 241 8.87 18.37 13.74
CA ARG B 241 8.17 17.43 14.62
C ARG B 241 6.68 17.36 14.33
N VAL B 242 6.33 17.49 13.05
CA VAL B 242 4.97 17.28 12.56
C VAL B 242 5.05 16.53 11.23
N VAL B 243 4.23 15.51 11.08
CA VAL B 243 4.02 14.83 9.80
C VAL B 243 2.55 15.02 9.43
N ARG B 244 2.30 15.53 8.22
CA ARG B 244 0.95 15.78 7.72
C ARG B 244 0.59 14.73 6.68
N LEU B 245 -0.63 14.18 6.81
CA LEU B 245 -1.14 13.16 5.90
C LEU B 245 -2.31 13.71 5.11
N CYS B 246 -2.28 13.52 3.80
CA CYS B 246 -3.31 13.97 2.88
C CYS B 246 -3.70 12.81 1.99
N SER B 247 -4.88 12.91 1.37
CA SER B 247 -5.36 11.80 0.56
C SER B 247 -6.19 12.33 -0.59
N PHE B 248 -6.26 11.55 -1.68
CA PHE B 248 -7.23 11.78 -2.74
C PHE B 248 -8.55 11.06 -2.50
N SER B 249 -8.70 10.36 -1.37
CA SER B 249 -9.93 9.63 -1.13
C SER B 249 -11.16 10.53 -1.14
N LYS B 250 -11.09 11.68 -0.47
CA LYS B 250 -12.28 12.50 -0.30
C LYS B 250 -12.48 13.50 -1.42
N THR B 251 -11.59 13.54 -2.41
CA THR B 251 -11.73 14.44 -3.56
C THR B 251 -11.93 13.73 -4.89
N LEU B 252 -11.29 12.58 -5.12
CA LEU B 252 -11.38 11.88 -6.40
C LEU B 252 -11.91 10.45 -6.31
N GLY B 253 -11.69 9.77 -5.21
CA GLY B 253 -12.23 8.44 -5.07
C GLY B 253 -11.39 7.60 -4.14
N PRO B 254 -12.00 7.08 -3.07
CA PRO B 254 -11.23 6.29 -2.11
C PRO B 254 -10.63 5.03 -2.69
N GLY B 255 -11.22 4.49 -3.76
CA GLY B 255 -10.71 3.24 -4.31
C GLY B 255 -9.38 3.39 -5.02
N LEU B 256 -9.02 4.63 -5.37
CA LEU B 256 -7.72 4.89 -6.00
C LEU B 256 -6.54 4.50 -5.11
N ARG B 257 -6.71 4.52 -3.79
CA ARG B 257 -5.65 4.19 -2.82
C ARG B 257 -4.40 5.02 -3.09
N LEU B 258 -4.57 6.35 -2.98
CA LEU B 258 -3.45 7.26 -3.27
C LEU B 258 -3.54 8.45 -2.34
N GLY B 259 -2.43 8.75 -1.69
CA GLY B 259 -2.35 9.92 -0.82
C GLY B 259 -0.93 10.44 -0.80
N TRP B 260 -0.65 11.30 0.16
CA TRP B 260 0.70 11.77 0.31
C TRP B 260 0.94 12.20 1.75
N LEU B 261 2.20 12.41 2.04
CA LEU B 261 2.72 12.72 3.34
C LEU B 261 3.68 13.89 3.20
N LEU B 262 3.59 14.83 4.12
CA LEU B 262 4.50 15.98 4.18
C LEU B 262 5.25 15.96 5.50
N ALA B 263 6.55 16.16 5.46
CA ALA B 263 7.38 16.23 6.66
C ALA B 263 8.56 17.13 6.34
N ASP B 264 9.43 17.34 7.30
CA ASP B 264 10.66 18.00 6.91
C ASP B 264 11.51 17.05 6.06
N ARG B 265 12.44 17.65 5.33
CA ARG B 265 13.22 16.89 4.34
C ARG B 265 13.90 15.69 4.98
N GLU B 266 14.41 15.87 6.20
CA GLU B 266 15.16 14.79 6.84
C GLU B 266 14.26 13.60 7.11
N LEU B 267 13.07 13.86 7.65
CA LEU B 267 12.18 12.74 7.98
C LEU B 267 11.59 12.12 6.72
N ALA B 268 11.12 12.93 5.77
CA ALA B 268 10.63 12.35 4.52
C ALA B 268 11.73 11.51 3.87
N GLY B 269 12.96 11.99 3.90
CA GLY B 269 14.05 11.22 3.30
C GLY B 269 14.29 9.93 4.05
N ARG B 270 14.26 9.99 5.38
CA ARG B 270 14.45 8.79 6.19
C ARG B 270 13.39 7.74 5.89
N LEU B 271 12.12 8.17 5.82
CA LEU B 271 11.06 7.21 5.55
C LEU B 271 11.23 6.58 4.18
N ALA B 272 11.59 7.39 3.19
CA ALA B 272 11.68 6.90 1.82
C ALA B 272 12.86 5.97 1.60
N THR B 273 13.83 5.90 2.50
CA THR B 273 14.92 4.95 2.35
C THR B 273 14.63 3.61 3.02
N HIS B 274 13.47 3.47 3.67
CA HIS B 274 13.05 2.17 4.20
C HIS B 274 13.01 1.12 3.08
N GLY B 275 13.37 -0.09 3.45
CA GLY B 275 13.27 -1.21 2.52
C GLY B 275 11.94 -1.30 1.80
N LEU B 276 10.85 -0.90 2.47
CA LEU B 276 9.55 -0.93 1.81
C LEU B 276 9.60 -0.20 0.48
N PHE B 277 10.21 0.98 0.49
CA PHE B 277 10.24 1.81 -0.71
C PHE B 277 11.32 1.35 -1.67
N VAL B 278 12.48 0.94 -1.16
CA VAL B 278 13.55 0.45 -2.04
C VAL B 278 13.10 -0.80 -2.77
N SER B 279 12.37 -1.69 -2.09
CA SER B 279 11.90 -2.93 -2.70
C SER B 279 10.78 -2.68 -3.71
N GLY B 280 9.81 -1.83 -3.39
CA GLY B 280 8.62 -1.76 -4.22
C GLY B 280 8.46 -0.50 -5.05
N GLY B 281 9.33 0.47 -4.80
CA GLY B 281 9.22 1.76 -5.43
C GLY B 281 8.04 2.55 -4.88
N SER B 282 7.63 3.56 -5.66
CA SER B 282 6.46 4.36 -5.36
C SER B 282 5.27 3.49 -4.94
N LEU B 283 4.62 3.87 -3.84
CA LEU B 283 3.60 3.00 -3.25
C LEU B 283 2.34 2.85 -4.09
N ASN B 284 2.12 3.71 -5.08
CA ASN B 284 1.05 3.44 -6.04
C ASN B 284 1.38 4.19 -7.32
N HIS B 285 2.25 3.60 -8.13
CA HIS B 285 2.88 4.35 -9.21
C HIS B 285 1.90 4.62 -10.36
N THR B 286 1.26 3.58 -10.90
CA THR B 286 0.48 3.79 -12.11
C THR B 286 -0.66 4.79 -11.85
N THR B 287 -1.39 4.59 -10.75
CA THR B 287 -2.49 5.48 -10.41
C THR B 287 -1.98 6.89 -10.13
N SER B 288 -0.81 7.02 -9.50
CA SER B 288 -0.29 8.36 -9.25
C SER B 288 -0.06 9.14 -10.54
N LEU B 289 0.35 8.47 -11.62
CA LEU B 289 0.56 9.18 -12.88
C LEU B 289 -0.76 9.61 -13.49
N ALA B 290 -1.80 8.78 -13.40
CA ALA B 290 -3.13 9.21 -13.83
C ALA B 290 -3.54 10.47 -13.09
N VAL B 291 -3.43 10.45 -11.76
CA VAL B 291 -3.86 11.62 -11.00
C VAL B 291 -2.97 12.84 -11.33
N SER B 292 -1.67 12.60 -11.56
CA SER B 292 -0.77 13.69 -11.96
C SER B 292 -1.27 14.44 -13.20
N THR B 293 -1.83 13.71 -14.17
CA THR B 293 -2.31 14.38 -15.37
C THR B 293 -3.48 15.30 -15.05
N LEU B 294 -4.29 14.97 -14.04
CA LEU B 294 -5.42 15.82 -13.65
C LEU B 294 -4.93 17.08 -12.96
N LEU B 295 -3.91 16.96 -12.12
CA LEU B 295 -3.38 18.17 -11.49
C LEU B 295 -2.77 19.08 -12.53
N ALA B 296 -2.03 18.50 -13.47
CA ALA B 296 -1.28 19.26 -14.45
C ALA B 296 -2.18 20.07 -15.37
N SER B 297 -3.35 19.54 -15.71
CA SER B 297 -4.22 20.17 -16.69
C SER B 297 -5.18 21.18 -16.09
N GLY B 298 -5.26 21.29 -14.78
CA GLY B 298 -6.31 22.04 -14.12
C GLY B 298 -7.60 21.30 -13.95
N ALA B 299 -7.72 20.05 -14.46
CA ALA B 299 -8.97 19.33 -14.33
C ALA B 299 -9.27 18.99 -12.89
N TYR B 300 -8.24 18.75 -12.08
CA TYR B 300 -8.47 18.44 -10.68
C TYR B 300 -9.15 19.59 -9.97
N ASP B 301 -8.65 20.82 -10.15
CA ASP B 301 -9.24 21.97 -9.51
C ASP B 301 -10.64 22.26 -10.05
N ARG B 302 -10.86 22.05 -11.35
CA ARG B 302 -12.20 22.24 -11.89
C ARG B 302 -13.16 21.24 -11.27
N HIS B 303 -12.69 20.01 -11.06
CA HIS B 303 -13.50 19.02 -10.38
C HIS B 303 -13.78 19.44 -8.94
N LEU B 304 -12.76 19.91 -8.20
CA LEU B 304 -12.97 20.31 -6.82
C LEU B 304 -13.99 21.44 -6.71
N ASP B 305 -13.92 22.42 -7.60
CA ASP B 305 -14.89 23.51 -7.57
C ASP B 305 -16.30 22.97 -7.70
N ALA B 306 -16.52 22.04 -8.64
CA ALA B 306 -17.85 21.48 -8.86
C ALA B 306 -18.27 20.60 -7.69
N PHE B 307 -17.35 19.79 -7.19
CA PHE B 307 -17.66 18.87 -6.09
C PHE B 307 -17.96 19.64 -4.80
N ARG B 308 -17.15 20.65 -4.48
CA ARG B 308 -17.43 21.45 -3.29
C ARG B 308 -18.81 22.09 -3.39
N ALA B 309 -19.19 22.56 -4.58
CA ALA B 309 -20.50 23.16 -4.76
C ALA B 309 -21.60 22.11 -4.58
N GLN B 310 -21.33 20.86 -5.00
CA GLN B 310 -22.28 19.78 -4.78
C GLN B 310 -22.40 19.46 -3.29
N LEU B 311 -21.27 19.44 -2.58
CA LEU B 311 -21.31 19.15 -1.15
C LEU B 311 -21.98 20.28 -0.38
N ARG B 312 -21.74 21.53 -0.78
CA ARG B 312 -22.36 22.64 -0.09
C ARG B 312 -23.87 22.54 -0.17
N ALA B 313 -24.39 22.20 -1.35
CA ALA B 313 -25.83 22.06 -1.53
C ALA B 313 -26.39 20.95 -0.64
N ARG B 314 -25.64 19.86 -0.50
CA ARG B 314 -26.08 18.77 0.36
C ARG B 314 -26.02 19.18 1.84
N ARG B 315 -24.92 19.82 2.25
CA ARG B 315 -24.82 20.34 3.60
C ARG B 315 -26.01 21.25 3.90
N ASP B 316 -26.28 22.21 3.01
CA ASP B 316 -27.32 23.20 3.29
C ASP B 316 -28.69 22.56 3.32
N ALA B 317 -28.92 21.55 2.47
CA ALA B 317 -30.19 20.85 2.47
C ALA B 317 -30.40 20.10 3.79
N LEU B 318 -29.36 19.40 4.25
CA LEU B 318 -29.47 18.65 5.49
C LEU B 318 -29.57 19.57 6.70
N VAL B 319 -28.71 20.59 6.76
CA VAL B 319 -28.75 21.53 7.89
C VAL B 319 -30.08 22.25 7.90
N GLY B 320 -30.49 22.76 6.74
CA GLY B 320 -31.71 23.55 6.68
C GLY B 320 -32.92 22.77 7.15
N ALA B 321 -32.99 21.49 6.77
CA ALA B 321 -34.10 20.66 7.17
C ALA B 321 -34.05 20.37 8.67
N LEU B 322 -32.89 19.97 9.17
CA LEU B 322 -32.80 19.64 10.59
C LEU B 322 -33.09 20.85 11.47
N ARG B 323 -32.57 22.02 11.09
CA ARG B 323 -32.72 23.21 11.92
C ARG B 323 -34.18 23.66 11.98
N ALA B 324 -34.87 23.59 10.86
CA ALA B 324 -36.30 23.90 10.84
C ALA B 324 -37.12 22.89 11.63
N MET B 325 -36.54 21.75 11.98
CA MET B 325 -37.30 20.61 12.47
C MET B 325 -36.81 20.02 13.78
N LEU B 326 -35.59 20.31 14.22
CA LEU B 326 -35.02 19.63 15.37
C LEU B 326 -35.67 20.10 16.66
N ASP B 327 -35.57 19.25 17.68
CA ASP B 327 -35.97 19.61 19.03
C ASP B 327 -35.03 20.69 19.58
N ASP B 328 -35.53 21.43 20.57
CA ASP B 328 -34.77 22.57 21.11
C ASP B 328 -33.49 22.11 21.81
N GLY B 329 -33.47 20.91 22.37
CA GLY B 329 -32.31 20.46 23.11
C GLY B 329 -31.12 20.01 22.26
N VAL B 330 -31.33 19.82 20.96
CA VAL B 330 -30.27 19.33 20.08
C VAL B 330 -29.56 20.52 19.47
N GLU B 331 -28.24 20.55 19.60
CA GLU B 331 -27.40 21.62 19.09
C GLU B 331 -26.68 21.15 17.83
N LEU B 332 -26.54 22.05 16.87
CA LEU B 332 -25.90 21.74 15.58
C LEU B 332 -25.10 22.95 15.14
N ARG B 333 -23.80 22.77 14.97
CA ARG B 333 -22.92 23.81 14.44
C ARG B 333 -22.59 23.46 13.00
N THR B 334 -23.00 24.32 12.07
CA THR B 334 -22.74 24.07 10.66
C THR B 334 -21.24 23.92 10.43
N PRO B 335 -20.80 22.83 9.85
CA PRO B 335 -19.37 22.70 9.55
C PRO B 335 -18.99 23.58 8.38
N GLU B 336 -17.76 24.06 8.41
CA GLU B 336 -17.27 24.88 7.30
C GLU B 336 -16.90 24.04 6.09
N GLY B 337 -16.79 22.73 6.25
CA GLY B 337 -16.37 21.88 5.16
C GLY B 337 -16.43 20.43 5.58
N GLY B 338 -15.95 19.59 4.68
CA GLY B 338 -15.93 18.17 4.94
C GLY B 338 -17.23 17.50 4.57
N PHE B 339 -17.47 16.36 5.23
CA PHE B 339 -18.56 15.47 4.89
C PHE B 339 -19.64 15.34 5.97
N PHE B 340 -19.42 15.86 7.18
CA PHE B 340 -20.20 15.44 8.34
C PHE B 340 -20.85 16.60 9.09
N LEU B 341 -22.08 16.35 9.56
CA LEU B 341 -22.74 17.14 10.60
C LEU B 341 -22.65 16.38 11.92
N TRP B 342 -22.57 17.11 13.01
CA TRP B 342 -22.52 16.53 14.35
C TRP B 342 -23.65 17.11 15.18
N LEU B 343 -24.53 16.24 15.65
CA LEU B 343 -25.67 16.63 16.48
C LEU B 343 -25.37 16.30 17.93
N ARG B 344 -25.57 17.27 18.81
CA ARG B 344 -25.32 17.12 20.23
C ARG B 344 -26.65 17.27 20.95
N ALA B 345 -27.17 16.16 21.47
CA ALA B 345 -28.43 16.18 22.20
C ALA B 345 -28.20 16.42 23.68
N GLY B 346 -27.22 15.75 24.26
CA GLY B 346 -26.90 16.00 25.65
C GLY B 346 -28.08 15.73 26.56
N ASP B 347 -28.07 16.40 27.71
CA ASP B 347 -29.26 16.47 28.56
C ASP B 347 -29.62 15.05 29.01
N GLY B 348 -30.90 14.71 29.08
CA GLY B 348 -31.32 13.35 29.32
C GLY B 348 -31.45 12.50 28.06
N ALA B 349 -31.11 13.06 26.90
CA ALA B 349 -31.26 12.34 25.65
C ALA B 349 -30.28 11.19 25.58
N ASP B 350 -30.77 10.03 25.16
CA ASP B 350 -30.04 8.76 25.24
C ASP B 350 -29.62 8.36 23.82
N GLU B 351 -28.36 7.96 23.67
CA GLU B 351 -27.89 7.63 22.33
C GLU B 351 -28.68 6.48 21.74
N ARG B 352 -28.94 5.43 22.53
CA ARG B 352 -29.65 4.28 22.01
C ARG B 352 -31.07 4.66 21.60
N GLU B 353 -31.71 5.51 22.39
CA GLU B 353 -33.05 5.99 22.04
C GLU B 353 -33.02 6.75 20.73
N LEU B 354 -32.00 7.57 20.50
CA LEU B 354 -31.92 8.29 19.24
C LEU B 354 -31.64 7.33 18.09
N LEU B 355 -30.81 6.32 18.31
CA LEU B 355 -30.56 5.34 17.25
C LEU B 355 -31.82 4.54 16.95
N ASP B 356 -32.56 4.17 17.99
CA ASP B 356 -33.82 3.49 17.77
C ASP B 356 -34.75 4.33 16.90
N GLY B 357 -34.79 5.65 17.14
CA GLY B 357 -35.59 6.50 16.29
C GLY B 357 -35.11 6.48 14.85
N ALA B 358 -33.79 6.46 14.66
CA ALA B 358 -33.25 6.41 13.31
C ALA B 358 -33.68 5.12 12.62
N ALA B 359 -33.71 4.01 13.36
CA ALA B 359 -34.16 2.75 12.78
C ALA B 359 -35.64 2.80 12.40
N ARG B 360 -36.49 3.38 13.26
CA ARG B 360 -37.89 3.53 12.90
C ARG B 360 -38.03 4.40 11.65
N ALA B 361 -37.16 5.38 11.50
CA ALA B 361 -37.16 6.27 10.34
C ALA B 361 -36.57 5.61 9.09
N GLY B 362 -36.02 4.40 9.19
CA GLY B 362 -35.32 3.80 8.08
C GLY B 362 -34.09 4.57 7.63
N VAL B 363 -33.40 5.22 8.56
CA VAL B 363 -32.20 6.00 8.29
C VAL B 363 -31.04 5.43 9.09
N ARG B 364 -29.87 5.30 8.46
CA ARG B 364 -28.65 4.92 9.16
C ARG B 364 -27.84 6.18 9.46
N ILE B 365 -27.45 6.34 10.72
CA ILE B 365 -26.53 7.39 11.13
C ILE B 365 -25.40 6.75 11.93
N ALA B 366 -24.44 7.55 12.37
CA ALA B 366 -23.29 7.01 13.09
C ALA B 366 -23.32 7.43 14.55
N ALA B 367 -23.24 6.45 15.44
CA ALA B 367 -23.30 6.72 16.87
C ALA B 367 -22.05 7.44 17.35
N GLY B 368 -22.26 8.51 18.11
CA GLY B 368 -21.14 9.27 18.64
C GLY B 368 -20.19 8.44 19.49
N SER B 369 -20.71 7.44 20.21
CA SER B 369 -19.84 6.63 21.06
C SER B 369 -18.76 5.89 20.26
N ARG B 370 -18.94 5.69 18.95
CA ARG B 370 -17.89 5.08 18.15
C ARG B 370 -16.61 5.91 18.16
N PHE B 371 -16.75 7.22 18.38
CA PHE B 371 -15.63 8.13 18.20
C PHE B 371 -14.96 8.51 19.50
N GLY B 372 -15.56 8.17 20.62
CA GLY B 372 -15.01 8.52 21.92
C GLY B 372 -16.10 8.91 22.88
N THR B 373 -15.70 9.70 23.87
CA THR B 373 -16.56 10.14 24.95
C THR B 373 -17.24 11.45 24.60
N THR B 374 -18.56 11.48 24.72
CA THR B 374 -19.37 12.64 24.40
C THR B 374 -19.98 13.21 25.68
N GLN B 375 -20.20 14.52 25.67
CA GLN B 375 -20.92 15.19 26.76
C GLN B 375 -22.41 15.03 26.46
N GLY B 376 -23.04 14.06 27.13
CA GLY B 376 -24.35 13.61 26.69
C GLY B 376 -24.23 12.72 25.45
N ALA B 377 -25.24 12.80 24.57
CA ALA B 377 -25.30 11.98 23.37
C ALA B 377 -24.93 12.78 22.13
N GLY B 378 -24.18 12.15 21.24
CA GLY B 378 -23.80 12.79 19.98
C GLY B 378 -24.03 11.83 18.84
N LEU B 379 -24.32 12.41 17.66
CA LEU B 379 -24.59 11.64 16.46
C LEU B 379 -23.91 12.28 15.27
N ARG B 380 -23.29 11.45 14.42
CA ARG B 380 -22.67 11.93 13.19
C ARG B 380 -23.57 11.57 12.01
N LEU B 381 -23.86 12.57 11.17
CA LEU B 381 -24.63 12.38 9.96
C LEU B 381 -23.82 12.85 8.77
N ALA B 382 -23.71 12.02 7.76
CA ALA B 382 -22.96 12.37 6.56
C ALA B 382 -23.91 13.00 5.55
N PHE B 383 -23.45 14.05 4.87
CA PHE B 383 -24.20 14.62 3.74
C PHE B 383 -23.49 14.39 2.40
N SER B 384 -22.43 13.58 2.38
CA SER B 384 -21.65 13.35 1.17
C SER B 384 -22.22 12.28 0.24
N PHE B 385 -23.11 11.42 0.72
CA PHE B 385 -23.43 10.18 0.03
C PHE B 385 -24.79 10.19 -0.65
N ASN B 386 -25.59 11.25 -0.48
CA ASN B 386 -26.95 11.30 -0.98
C ASN B 386 -27.26 12.68 -1.54
N PRO B 387 -28.19 12.76 -2.48
CA PRO B 387 -28.55 14.07 -3.05
C PRO B 387 -29.40 14.88 -2.08
N PRO B 388 -29.47 16.19 -2.29
CA PRO B 388 -30.23 17.06 -1.37
C PRO B 388 -31.64 16.57 -1.04
N ALA B 389 -32.39 16.13 -2.05
CA ALA B 389 -33.78 15.73 -1.80
C ALA B 389 -33.88 14.56 -0.82
N LEU B 390 -32.98 13.57 -0.96
CA LEU B 390 -32.97 12.42 -0.07
C LEU B 390 -32.49 12.79 1.33
N LEU B 391 -31.52 13.71 1.41
CA LEU B 391 -31.09 14.20 2.71
C LEU B 391 -32.24 14.89 3.43
N GLU B 392 -33.01 15.72 2.70
CA GLU B 392 -34.17 16.39 3.29
C GLU B 392 -35.18 15.38 3.77
N GLN B 393 -35.39 14.31 2.99
CA GLN B 393 -36.33 13.28 3.39
C GLN B 393 -35.82 12.55 4.63
N ALA B 394 -34.51 12.29 4.71
CA ALA B 394 -33.96 11.61 5.88
C ALA B 394 -34.13 12.47 7.13
N ALA B 395 -33.88 13.78 7.00
CA ALA B 395 -34.05 14.69 8.13
C ALA B 395 -35.51 14.74 8.59
N LYS B 396 -36.44 14.79 7.64
CA LYS B 396 -37.87 14.74 8.00
C LYS B 396 -38.18 13.46 8.77
N ARG B 397 -37.75 12.32 8.26
CA ARG B 397 -38.06 11.06 8.93
C ARG B 397 -37.44 11.01 10.32
N LEU B 398 -36.15 11.37 10.42
CA LEU B 398 -35.49 11.39 11.72
C LEU B 398 -36.23 12.29 12.70
N THR B 399 -36.50 13.52 12.29
CA THR B 399 -37.22 14.49 13.12
C THR B 399 -38.53 13.90 13.61
N THR B 400 -39.28 13.29 12.70
CA THR B 400 -40.58 12.73 13.07
C THR B 400 -40.42 11.61 14.10
N ALA B 401 -39.49 10.68 13.86
CA ALA B 401 -39.24 9.61 14.82
C ALA B 401 -38.80 10.16 16.17
N TRP B 402 -37.94 11.18 16.17
CA TRP B 402 -37.39 11.67 17.43
C TRP B 402 -38.39 12.51 18.24
N SER B 403 -39.46 12.99 17.60
CA SER B 403 -40.45 13.80 18.30
C SER B 403 -41.38 12.93 19.14
#